data_7QZQ
#
_entry.id   7QZQ
#
_cell.length_a   72.379
_cell.length_b   55.078
_cell.length_c   95.164
_cell.angle_alpha   90.000
_cell.angle_beta   108.670
_cell.angle_gamma   90.000
#
_symmetry.space_group_name_H-M   'P 1 21 1'
#
loop_
_entity.id
_entity.type
_entity.pdbx_description
1 polymer 'Kelch repeat and BTB domain-containing protein 12'
2 non-polymer 1,2-ETHANEDIOL
3 non-polymer 'SODIUM ION'
4 water water
#
_entity_poly.entity_id   1
_entity_poly.type   'polypeptide(L)'
_entity_poly.pdbx_seq_one_letter_code
;SMLNLRYGMETTSLLLCIGNNSSGIRSRHRSYGDASFCYDPVSRKTYFISSPKYGEGLGTVCTGVVMENNTIIVAGEASA
SKLSRQKNKNVEIYRYHDRGNQFWEKLCTAEFRELYALGSIHNDLYVIGGQMKIKNQYLITNCVDKYSVERDNWKRVSPL
PLQLACHAVVTVNNKLYVIGGWTPQMDLPDEEPDRLSNKLLQYDPSQDQWSVRAPMKYSKYRFSTAVVNSEIYVLGGIGC
VGQDKGQVRKCLDVVEIYNPDGDFWREGPPMPSPLLSLRTNSTNAGAVDGKLYVCGGFHGADRHEVISKEILELDPWENQ
WNVVAINVLMHDSYDVCLVARMNPRDLIPPPSDLVEEGNEHL
;
_entity_poly.pdbx_strand_id   A,B
#
# COMPACT_ATOMS: atom_id res chain seq x y z
N GLU A 10 0.00 -29.30 2.12
CA GLU A 10 0.27 -28.36 1.03
C GLU A 10 -0.99 -27.55 0.67
N THR A 11 -1.37 -26.59 1.51
CA THR A 11 -2.50 -25.75 1.14
C THR A 11 -2.03 -24.56 0.31
N THR A 12 -2.90 -24.10 -0.58
CA THR A 12 -2.60 -22.96 -1.42
C THR A 12 -3.83 -22.05 -1.47
N SER A 13 -3.60 -20.76 -1.67
CA SER A 13 -4.70 -19.80 -1.73
C SER A 13 -5.40 -19.88 -3.08
N LEU A 14 -6.69 -20.10 -3.05
CA LEU A 14 -7.51 -20.24 -4.25
C LEU A 14 -8.55 -19.14 -4.30
N LEU A 15 -8.84 -18.70 -5.52
CA LEU A 15 -10.01 -17.89 -5.79
C LEU A 15 -11.22 -18.81 -5.92
N LEU A 16 -12.17 -18.68 -5.01
CA LEU A 16 -13.39 -19.51 -5.03
C LEU A 16 -14.53 -18.65 -5.54
N CYS A 17 -15.11 -19.02 -6.67
CA CYS A 17 -16.20 -18.26 -7.26
C CYS A 17 -17.51 -18.95 -6.93
N ILE A 18 -17.96 -18.74 -5.69
CA ILE A 18 -19.09 -19.47 -5.11
C ILE A 18 -20.40 -18.97 -5.72
N GLY A 19 -21.21 -19.90 -6.22
CA GLY A 19 -22.53 -19.55 -6.70
C GLY A 19 -23.38 -20.79 -6.89
N ASN A 20 -24.69 -20.57 -6.92
CA ASN A 20 -25.64 -21.65 -7.14
C ASN A 20 -26.13 -21.75 -8.57
N ASN A 21 -25.64 -20.89 -9.48
CA ASN A 21 -25.97 -21.07 -10.89
C ASN A 21 -25.41 -22.39 -11.41
N SER A 22 -26.19 -23.06 -12.27
CA SER A 22 -25.88 -24.41 -12.71
CA SER A 22 -25.90 -24.41 -12.71
C SER A 22 -25.69 -24.53 -14.22
N SER A 23 -25.58 -23.42 -14.94
CA SER A 23 -25.53 -23.45 -16.39
C SER A 23 -24.14 -23.11 -16.93
N GLY A 24 -23.89 -23.59 -18.13
CA GLY A 24 -22.76 -23.14 -18.93
C GLY A 24 -21.50 -23.97 -18.86
N ILE A 25 -21.58 -25.21 -18.41
CA ILE A 25 -20.40 -26.07 -18.28
C ILE A 25 -20.79 -27.44 -18.85
N ARG A 26 -20.18 -27.82 -19.97
CA ARG A 26 -20.47 -29.10 -20.62
C ARG A 26 -19.86 -30.24 -19.81
N SER A 27 -20.71 -31.11 -19.25
CA SER A 27 -20.30 -32.10 -18.27
C SER A 27 -20.78 -33.49 -18.68
N ARG A 28 -19.86 -34.32 -19.18
CA ARG A 28 -20.25 -35.58 -19.79
C ARG A 28 -20.50 -36.69 -18.77
N HIS A 29 -19.63 -36.84 -17.77
CA HIS A 29 -19.65 -38.00 -16.88
C HIS A 29 -20.27 -37.75 -15.52
N ARG A 30 -20.23 -36.50 -15.04
CA ARG A 30 -20.83 -36.12 -13.77
C ARG A 30 -21.41 -34.71 -13.94
N SER A 31 -22.23 -34.29 -12.98
CA SER A 31 -22.91 -32.99 -13.09
C SER A 31 -22.13 -31.92 -12.33
N TYR A 32 -21.68 -30.91 -13.07
CA TYR A 32 -21.03 -29.73 -12.49
C TYR A 32 -22.03 -28.63 -12.14
N GLY A 33 -23.32 -28.82 -12.45
CA GLY A 33 -24.33 -27.88 -12.03
C GLY A 33 -24.36 -27.64 -10.54
N ASP A 34 -23.82 -28.57 -9.74
CA ASP A 34 -23.76 -28.44 -8.29
C ASP A 34 -22.38 -28.08 -7.78
N ALA A 35 -21.48 -27.62 -8.65
CA ALA A 35 -20.12 -27.29 -8.26
C ALA A 35 -19.82 -25.84 -8.63
N SER A 36 -18.86 -25.25 -7.93
CA SER A 36 -18.49 -23.85 -8.14
C SER A 36 -17.04 -23.75 -8.62
N PHE A 37 -16.82 -22.90 -9.63
CA PHE A 37 -15.52 -22.69 -10.23
C PHE A 37 -14.52 -22.08 -9.24
N CYS A 38 -13.32 -22.65 -9.21
CA CYS A 38 -12.20 -22.17 -8.42
C CYS A 38 -10.95 -22.12 -9.26
N TYR A 39 -10.03 -21.24 -8.90
CA TYR A 39 -8.88 -20.93 -9.75
C TYR A 39 -7.65 -20.65 -8.91
N ASP A 40 -6.57 -21.35 -9.23
CA ASP A 40 -5.26 -21.07 -8.65
C ASP A 40 -4.55 -20.14 -9.62
N PRO A 41 -4.40 -18.84 -9.30
CA PRO A 41 -3.78 -17.94 -10.28
C PRO A 41 -2.28 -18.15 -10.42
N VAL A 42 -1.63 -18.78 -9.44
CA VAL A 42 -0.20 -19.06 -9.57
C VAL A 42 0.02 -20.16 -10.61
N SER A 43 -0.58 -21.34 -10.39
CA SER A 43 -0.43 -22.45 -11.33
C SER A 43 -1.39 -22.38 -12.51
N ARG A 44 -2.31 -21.41 -12.52
CA ARG A 44 -3.30 -21.23 -13.59
C ARG A 44 -4.17 -22.49 -13.78
N LYS A 45 -4.43 -23.22 -12.70
CA LYS A 45 -5.21 -24.44 -12.77
C LYS A 45 -6.60 -24.21 -12.19
N THR A 46 -7.60 -24.84 -12.79
CA THR A 46 -8.99 -24.76 -12.36
C THR A 46 -9.33 -25.94 -11.45
N TYR A 47 -10.05 -25.67 -10.37
CA TYR A 47 -10.64 -26.69 -9.51
C TYR A 47 -12.13 -26.38 -9.38
N PHE A 48 -12.85 -27.28 -8.71
CA PHE A 48 -14.26 -27.09 -8.41
C PHE A 48 -14.52 -27.48 -6.97
N ILE A 49 -15.31 -26.65 -6.31
CA ILE A 49 -15.77 -26.89 -4.95
C ILE A 49 -17.27 -27.09 -5.00
N SER A 50 -17.81 -27.75 -3.97
CA SER A 50 -19.23 -27.99 -3.90
C SER A 50 -19.98 -26.69 -3.65
N SER A 51 -21.00 -26.43 -4.47
CA SER A 51 -21.80 -25.23 -4.32
C SER A 51 -22.67 -25.31 -3.05
N PRO A 52 -23.02 -24.17 -2.45
CA PRO A 52 -23.75 -24.21 -1.17
C PRO A 52 -25.10 -24.91 -1.27
N LYS A 53 -25.70 -24.98 -2.47
CA LYS A 53 -27.01 -25.61 -2.61
C LYS A 53 -26.95 -27.14 -2.61
N TYR A 54 -25.77 -27.72 -2.72
CA TYR A 54 -25.63 -29.17 -2.88
C TYR A 54 -26.36 -29.91 -1.78
N GLY A 55 -27.15 -30.91 -2.16
CA GLY A 55 -27.93 -31.64 -1.17
C GLY A 55 -29.07 -30.80 -0.64
N GLU A 56 -29.25 -30.81 0.67
CA GLU A 56 -30.31 -29.99 1.29
C GLU A 56 -29.75 -28.66 1.81
N GLY A 57 -28.83 -28.05 1.07
CA GLY A 57 -28.11 -26.87 1.53
C GLY A 57 -28.79 -25.54 1.26
N LEU A 58 -28.00 -24.54 0.90
CA LEU A 58 -28.46 -23.15 0.81
C LEU A 58 -29.00 -22.84 -0.58
N GLY A 59 -30.28 -22.48 -0.67
CA GLY A 59 -30.91 -22.30 -1.97
C GLY A 59 -30.37 -21.11 -2.74
N THR A 60 -30.11 -20.00 -2.06
CA THR A 60 -29.68 -18.77 -2.70
C THR A 60 -28.51 -18.22 -1.91
N VAL A 61 -27.45 -17.84 -2.60
CA VAL A 61 -26.28 -17.22 -1.98
C VAL A 61 -26.29 -15.73 -2.30
N CYS A 62 -26.18 -14.92 -1.26
CA CYS A 62 -26.13 -13.48 -1.45
C CYS A 62 -24.72 -12.93 -1.26
N THR A 63 -24.02 -13.37 -0.23
CA THR A 63 -22.65 -12.89 -0.05
C THR A 63 -21.92 -13.86 0.85
N GLY A 64 -20.70 -13.50 1.19
CA GLY A 64 -19.81 -14.44 1.86
C GLY A 64 -18.61 -13.70 2.37
N VAL A 65 -17.85 -14.37 3.24
CA VAL A 65 -16.58 -13.86 3.75
C VAL A 65 -15.69 -15.07 4.01
N VAL A 66 -14.40 -14.83 4.09
CA VAL A 66 -13.48 -15.81 4.65
C VAL A 66 -12.95 -15.22 5.94
N MET A 67 -13.25 -15.87 7.07
CA MET A 67 -12.81 -15.29 8.33
C MET A 67 -11.32 -15.52 8.58
N GLU A 68 -10.84 -14.87 9.64
CA GLU A 68 -9.41 -14.80 9.93
C GLU A 68 -8.80 -16.20 10.03
N ASN A 69 -9.55 -17.15 10.61
CA ASN A 69 -9.07 -18.51 10.77
C ASN A 69 -9.29 -19.38 9.53
N ASN A 70 -9.53 -18.78 8.37
CA ASN A 70 -9.68 -19.46 7.07
C ASN A 70 -11.04 -20.16 6.91
N THR A 71 -12.00 -19.92 7.81
CA THR A 71 -13.34 -20.50 7.64
C THR A 71 -14.11 -19.79 6.53
N ILE A 72 -14.64 -20.56 5.58
CA ILE A 72 -15.41 -20.01 4.47
C ILE A 72 -16.87 -19.89 4.88
N ILE A 73 -17.44 -18.69 4.75
CA ILE A 73 -18.80 -18.37 5.20
C ILE A 73 -19.59 -17.81 4.03
N VAL A 74 -20.80 -18.31 3.81
CA VAL A 74 -21.73 -17.72 2.86
C VAL A 74 -23.04 -17.41 3.58
N ALA A 75 -23.71 -16.37 3.12
CA ALA A 75 -24.99 -15.97 3.70
C ALA A 75 -26.00 -15.81 2.59
N GLY A 76 -27.24 -16.21 2.85
CA GLY A 76 -28.22 -16.21 1.80
C GLY A 76 -29.64 -16.47 2.28
N GLU A 77 -30.45 -17.07 1.42
CA GLU A 77 -31.85 -17.32 1.70
C GLU A 77 -32.16 -18.78 1.45
N ALA A 78 -33.08 -19.31 2.26
CA ALA A 78 -33.53 -20.68 2.12
C ALA A 78 -34.28 -20.90 0.81
N SER A 79 -34.21 -22.13 0.32
CA SER A 79 -34.99 -22.51 -0.85
C SER A 79 -36.47 -22.42 -0.52
N ALA A 80 -37.28 -22.24 -1.57
CA ALA A 80 -38.73 -22.17 -1.39
C ALA A 80 -39.27 -23.44 -0.73
N SER A 81 -38.67 -24.60 -1.03
CA SER A 81 -39.06 -25.84 -0.37
C SER A 81 -38.80 -25.79 1.14
N LYS A 82 -37.64 -25.26 1.54
CA LYS A 82 -37.32 -25.13 2.97
C LYS A 82 -38.20 -24.07 3.63
N LEU A 83 -38.40 -22.93 2.97
CA LEU A 83 -39.30 -21.90 3.46
C LEU A 83 -40.68 -22.46 3.77
N SER A 84 -41.25 -23.22 2.82
CA SER A 84 -42.58 -23.79 2.99
C SER A 84 -42.73 -24.61 4.27
N ARG A 85 -41.65 -25.21 4.77
CA ARG A 85 -41.70 -25.99 6.00
C ARG A 85 -41.27 -25.20 7.24
N GLN A 86 -41.01 -23.91 7.09
CA GLN A 86 -40.60 -23.03 8.19
C GLN A 86 -41.66 -21.96 8.42
N LYS A 87 -41.72 -21.48 9.65
CA LYS A 87 -42.67 -20.43 9.99
C LYS A 87 -42.14 -19.04 9.65
N ASN A 88 -40.84 -18.82 9.78
CA ASN A 88 -40.25 -17.51 9.54
C ASN A 88 -39.22 -17.59 8.40
N LYS A 89 -39.06 -16.46 7.74
CA LYS A 89 -38.05 -16.30 6.71
C LYS A 89 -36.85 -15.61 7.36
N ASN A 90 -35.65 -16.08 7.04
CA ASN A 90 -34.45 -15.61 7.73
C ASN A 90 -33.30 -15.42 6.74
N VAL A 91 -32.32 -14.62 7.17
CA VAL A 91 -30.99 -14.71 6.59
C VAL A 91 -30.36 -16.01 7.08
N GLU A 92 -29.92 -16.85 6.17
CA GLU A 92 -29.32 -18.15 6.49
C GLU A 92 -27.83 -18.09 6.22
N ILE A 93 -27.04 -18.48 7.23
CA ILE A 93 -25.58 -18.40 7.15
C ILE A 93 -25.01 -19.82 7.26
N TYR A 94 -24.21 -20.21 6.25
CA TYR A 94 -23.62 -21.53 6.15
C TYR A 94 -22.11 -21.43 6.19
N ARG A 95 -21.47 -22.52 6.61
CA ARG A 95 -20.01 -22.59 6.60
C ARG A 95 -19.57 -23.87 5.89
N TYR A 96 -18.47 -23.76 5.15
CA TYR A 96 -17.92 -24.89 4.43
C TYR A 96 -17.03 -25.66 5.37
N HIS A 97 -17.13 -26.99 5.32
CA HIS A 97 -16.29 -27.88 6.10
C HIS A 97 -15.39 -28.67 5.14
N ASP A 98 -14.07 -28.69 5.41
CA ASP A 98 -13.08 -29.06 4.38
C ASP A 98 -11.93 -29.94 4.86
N ARG A 99 -12.24 -31.07 5.51
CA ARG A 99 -11.16 -31.90 6.07
C ARG A 99 -11.33 -33.37 5.68
N GLY A 100 -11.48 -33.65 4.38
CA GLY A 100 -11.74 -35.00 3.92
C GLY A 100 -13.19 -35.43 4.01
N ASN A 101 -13.99 -34.77 4.83
CA ASN A 101 -15.45 -34.84 4.80
C ASN A 101 -15.90 -33.42 4.47
N GLN A 102 -16.11 -33.16 3.19
CA GLN A 102 -16.38 -31.81 2.70
C GLN A 102 -17.89 -31.62 2.52
N PHE A 103 -18.43 -30.56 3.14
CA PHE A 103 -19.85 -30.25 3.03
C PHE A 103 -20.07 -28.82 3.52
N TRP A 104 -21.27 -28.30 3.24
CA TRP A 104 -21.74 -27.03 3.76
C TRP A 104 -22.71 -27.30 4.91
N GLU A 105 -22.52 -26.61 6.03
CA GLU A 105 -23.38 -26.80 7.20
C GLU A 105 -23.99 -25.47 7.61
N LYS A 106 -25.23 -25.52 8.07
CA LYS A 106 -25.87 -24.33 8.60
C LYS A 106 -25.18 -23.89 9.88
N LEU A 107 -24.73 -22.64 9.91
CA LEU A 107 -24.06 -22.10 11.08
C LEU A 107 -25.00 -21.37 12.03
N CYS A 108 -25.87 -20.52 11.48
CA CYS A 108 -26.63 -19.57 12.29
C CYS A 108 -27.59 -18.78 11.41
N THR A 109 -28.58 -18.16 12.03
CA THR A 109 -29.63 -17.46 11.31
C THR A 109 -29.84 -16.07 11.87
N ALA A 110 -30.31 -15.15 11.02
CA ALA A 110 -30.53 -13.78 11.44
C ALA A 110 -31.87 -13.30 10.92
N GLU A 111 -32.42 -12.28 11.58
CA GLU A 111 -33.65 -11.64 11.11
C GLU A 111 -33.49 -11.27 9.64
N PHE A 112 -34.52 -11.59 8.85
CA PHE A 112 -34.43 -11.45 7.40
C PHE A 112 -34.07 -10.02 6.98
N ARG A 113 -33.14 -9.92 6.02
CA ARG A 113 -32.85 -8.67 5.31
C ARG A 113 -32.40 -9.01 3.90
N GLU A 114 -32.40 -8.01 3.03
CA GLU A 114 -31.79 -8.10 1.72
C GLU A 114 -30.85 -6.91 1.51
N LEU A 115 -29.90 -7.10 0.59
CA LEU A 115 -28.98 -6.03 0.17
C LEU A 115 -28.16 -5.50 1.34
N TYR A 116 -27.88 -6.36 2.33
CA TYR A 116 -26.98 -6.09 3.44
C TYR A 116 -25.55 -6.46 3.04
N ALA A 117 -24.59 -6.07 3.87
CA ALA A 117 -23.20 -6.49 3.67
C ALA A 117 -22.79 -7.39 4.83
N LEU A 118 -21.91 -8.35 4.54
CA LEU A 118 -21.43 -9.29 5.56
C LEU A 118 -19.97 -9.01 5.84
N GLY A 119 -19.66 -8.62 7.07
CA GLY A 119 -18.30 -8.37 7.48
C GLY A 119 -17.86 -9.42 8.48
N SER A 120 -16.56 -9.41 8.75
CA SER A 120 -16.00 -10.33 9.73
C SER A 120 -14.72 -9.76 10.32
N ILE A 121 -14.59 -9.85 11.65
CA ILE A 121 -13.38 -9.50 12.38
C ILE A 121 -13.13 -10.58 13.42
N HIS A 122 -11.89 -11.07 13.49
CA HIS A 122 -11.56 -12.13 14.43
C HIS A 122 -12.59 -13.26 14.30
N ASN A 123 -13.27 -13.65 15.38
CA ASN A 123 -14.24 -14.74 15.33
CA ASN A 123 -14.25 -14.75 15.28
C ASN A 123 -15.69 -14.27 15.24
N ASP A 124 -15.92 -13.09 14.67
CA ASP A 124 -17.25 -12.51 14.61
C ASP A 124 -17.68 -12.21 13.19
N LEU A 125 -19.00 -12.34 12.96
CA LEU A 125 -19.66 -11.95 11.74
C LEU A 125 -20.48 -10.69 12.01
N TYR A 126 -20.62 -9.84 11.00
CA TYR A 126 -21.41 -8.62 11.10
C TYR A 126 -22.36 -8.57 9.92
N VAL A 127 -23.64 -8.43 10.20
CA VAL A 127 -24.67 -8.20 9.19
C VAL A 127 -25.01 -6.72 9.24
N ILE A 128 -24.78 -6.01 8.14
CA ILE A 128 -24.66 -4.55 8.14
C ILE A 128 -25.69 -3.96 7.17
N GLY A 129 -26.60 -3.14 7.69
CA GLY A 129 -27.48 -2.41 6.80
C GLY A 129 -28.41 -3.32 6.00
N GLY A 130 -28.77 -2.87 4.79
CA GLY A 130 -29.72 -3.59 3.99
C GLY A 130 -31.14 -3.10 4.21
N GLN A 131 -32.07 -3.70 3.49
CA GLN A 131 -33.48 -3.40 3.61
C GLN A 131 -34.14 -4.42 4.54
N MET A 132 -34.94 -3.94 5.49
CA MET A 132 -35.59 -4.81 6.46
C MET A 132 -37.05 -4.39 6.60
N LYS A 133 -37.85 -5.30 7.14
CA LYS A 133 -39.24 -5.00 7.49
C LYS A 133 -39.27 -4.71 8.99
N ILE A 134 -39.54 -3.45 9.34
CA ILE A 134 -39.58 -2.95 10.70
C ILE A 134 -40.98 -2.38 10.94
N LYS A 135 -41.73 -2.98 11.87
CA LYS A 135 -43.11 -2.60 12.17
C LYS A 135 -43.98 -2.64 10.90
N ASN A 136 -43.82 -3.72 10.13
CA ASN A 136 -44.60 -3.97 8.91
C ASN A 136 -44.34 -2.92 7.81
N GLN A 137 -43.21 -2.22 7.84
CA GLN A 137 -42.83 -1.30 6.78
C GLN A 137 -41.42 -1.66 6.30
N TYR A 138 -41.19 -1.58 4.98
CA TYR A 138 -39.85 -1.83 4.46
C TYR A 138 -39.07 -0.53 4.42
N LEU A 139 -37.82 -0.57 4.88
CA LEU A 139 -36.93 0.58 4.83
C LEU A 139 -35.48 0.11 4.83
N ILE A 140 -34.61 0.91 4.22
CA ILE A 140 -33.17 0.70 4.32
C ILE A 140 -32.77 1.00 5.75
N THR A 141 -31.97 0.12 6.34
CA THR A 141 -31.67 0.21 7.76
C THR A 141 -30.24 0.67 8.00
N ASN A 142 -30.00 1.15 9.23
CA ASN A 142 -28.66 1.43 9.69
C ASN A 142 -28.14 0.35 10.64
N CYS A 143 -28.90 -0.71 10.86
CA CYS A 143 -28.61 -1.57 11.99
C CYS A 143 -27.53 -2.58 11.65
N VAL A 144 -26.76 -2.94 12.67
CA VAL A 144 -25.62 -3.84 12.54
C VAL A 144 -25.79 -4.94 13.60
N ASP A 145 -25.96 -6.18 13.15
CA ASP A 145 -26.05 -7.33 14.06
C ASP A 145 -24.72 -8.09 14.02
N LYS A 146 -24.19 -8.41 15.19
CA LYS A 146 -22.91 -9.08 15.33
C LYS A 146 -23.12 -10.50 15.83
N TYR A 147 -22.55 -11.49 15.13
CA TYR A 147 -22.64 -12.89 15.53
C TYR A 147 -21.28 -13.37 16.01
N SER A 148 -21.23 -13.86 17.24
CA SER A 148 -20.01 -14.48 17.80
C SER A 148 -20.04 -15.98 17.49
N VAL A 149 -19.11 -16.44 16.66
CA VAL A 149 -18.98 -17.87 16.40
C VAL A 149 -18.66 -18.61 17.70
N GLU A 150 -17.80 -18.00 18.53
CA GLU A 150 -17.34 -18.62 19.76
C GLU A 150 -18.49 -18.82 20.75
N ARG A 151 -19.33 -17.80 20.93
CA ARG A 151 -20.40 -17.91 21.90
C ARG A 151 -21.72 -18.37 21.29
N ASP A 152 -21.79 -18.48 19.96
CA ASP A 152 -23.01 -18.82 19.24
C ASP A 152 -24.19 -17.95 19.70
N ASN A 153 -24.01 -16.63 19.61
CA ASN A 153 -25.12 -15.73 19.89
C ASN A 153 -24.94 -14.44 19.12
N TRP A 154 -25.95 -13.56 19.25
CA TRP A 154 -26.08 -12.34 18.46
C TRP A 154 -26.17 -11.12 19.37
N LYS A 155 -25.66 -10.00 18.87
CA LYS A 155 -25.78 -8.74 19.60
C LYS A 155 -25.94 -7.60 18.61
N ARG A 156 -26.91 -6.72 18.85
CA ARG A 156 -27.03 -5.51 18.05
C ARG A 156 -25.95 -4.54 18.50
N VAL A 157 -25.06 -4.11 17.60
CA VAL A 157 -23.98 -3.20 17.96
C VAL A 157 -24.33 -1.81 17.45
N SER A 158 -23.39 -0.87 17.54
CA SER A 158 -23.67 0.52 17.19
C SER A 158 -24.13 0.60 15.74
N PRO A 159 -25.19 1.36 15.44
CA PRO A 159 -25.69 1.42 14.07
C PRO A 159 -24.84 2.30 13.16
N LEU A 160 -24.99 2.04 11.86
CA LEU A 160 -24.36 2.88 10.87
C LEU A 160 -24.79 4.33 11.07
N PRO A 161 -23.96 5.31 10.72
CA PRO A 161 -24.39 6.71 10.80
C PRO A 161 -25.40 7.10 9.74
N LEU A 162 -25.68 6.23 8.77
CA LEU A 162 -26.72 6.50 7.80
C LEU A 162 -27.25 5.16 7.30
N GLN A 163 -28.45 5.21 6.75
CA GLN A 163 -29.09 4.03 6.22
C GLN A 163 -28.43 3.61 4.92
N LEU A 164 -27.99 2.35 4.84
CA LEU A 164 -27.29 1.89 3.64
C LEU A 164 -27.81 0.55 3.17
N ALA A 165 -27.91 0.42 1.85
CA ALA A 165 -28.16 -0.85 1.18
C ALA A 165 -27.26 -0.93 -0.05
N CYS A 166 -27.03 -2.17 -0.50
CA CYS A 166 -26.19 -2.47 -1.66
C CYS A 166 -24.77 -1.93 -1.53
N HIS A 167 -24.34 -1.65 -0.30
CA HIS A 167 -22.98 -1.27 0.03
C HIS A 167 -22.08 -2.51 0.13
N ALA A 168 -20.79 -2.26 0.17
CA ALA A 168 -19.80 -3.31 0.38
C ALA A 168 -19.13 -3.13 1.73
N VAL A 169 -18.48 -4.20 2.24
CA VAL A 169 -17.68 -4.09 3.44
C VAL A 169 -16.43 -4.97 3.29
N VAL A 170 -15.29 -4.46 3.78
CA VAL A 170 -14.06 -5.22 3.91
C VAL A 170 -13.51 -4.98 5.31
N THR A 171 -12.55 -5.80 5.71
CA THR A 171 -11.84 -5.63 6.96
C THR A 171 -10.38 -5.29 6.65
N VAL A 172 -9.86 -4.27 7.32
CA VAL A 172 -8.43 -3.96 7.28
C VAL A 172 -7.99 -3.71 8.71
N ASN A 173 -6.93 -4.41 9.12
CA ASN A 173 -6.37 -4.35 10.47
C ASN A 173 -7.46 -4.34 11.55
N ASN A 174 -8.35 -5.33 11.44
CA ASN A 174 -9.36 -5.64 12.47
C ASN A 174 -10.36 -4.51 12.64
N LYS A 175 -10.60 -3.76 11.57
CA LYS A 175 -11.69 -2.78 11.54
C LYS A 175 -12.50 -3.01 10.28
N LEU A 176 -13.79 -2.63 10.31
CA LEU A 176 -14.64 -2.75 9.14
C LEU A 176 -14.61 -1.45 8.37
N TYR A 177 -14.63 -1.56 7.04
CA TYR A 177 -14.74 -0.42 6.14
C TYR A 177 -15.92 -0.65 5.21
N VAL A 178 -16.96 0.16 5.35
CA VAL A 178 -18.18 0.03 4.55
C VAL A 178 -18.13 1.07 3.44
N ILE A 179 -18.49 0.67 2.23
CA ILE A 179 -18.13 1.43 1.03
C ILE A 179 -19.35 1.58 0.13
N GLY A 180 -19.65 2.82 -0.25
CA GLY A 180 -20.63 3.09 -1.30
C GLY A 180 -22.01 2.60 -0.93
N GLY A 181 -22.78 2.24 -1.94
CA GLY A 181 -24.13 1.74 -1.75
C GLY A 181 -25.21 2.77 -2.06
N TRP A 182 -26.43 2.43 -1.63
CA TRP A 182 -27.64 3.24 -1.78
C TRP A 182 -28.01 3.81 -0.42
N THR A 183 -28.58 5.04 -0.40
CA THR A 183 -29.02 5.69 0.84
C THR A 183 -30.19 6.63 0.56
N PRO A 184 -31.18 6.72 1.44
CA PRO A 184 -32.32 7.63 1.17
C PRO A 184 -31.87 9.08 1.12
N GLN A 185 -32.59 9.87 0.32
CA GLN A 185 -32.33 11.30 0.21
C GLN A 185 -33.65 12.05 0.34
N MET A 186 -33.63 13.17 1.08
CA MET A 186 -34.78 14.05 1.17
C MET A 186 -34.33 15.49 0.95
N ASP A 187 -33.28 15.69 0.16
CA ASP A 187 -32.75 17.01 -0.18
C ASP A 187 -33.45 17.63 -1.37
N LEU A 188 -33.84 16.84 -2.36
CA LEU A 188 -34.36 17.37 -3.63
C LEU A 188 -35.66 16.65 -3.96
N PRO A 189 -36.78 17.38 -4.14
CA PRO A 189 -38.06 16.71 -4.42
C PRO A 189 -38.20 16.21 -5.85
N ASP A 190 -37.25 16.49 -6.75
CA ASP A 190 -37.32 15.98 -8.11
C ASP A 190 -36.27 14.89 -8.34
N GLU A 191 -35.80 14.27 -7.28
CA GLU A 191 -34.83 13.19 -7.36
C GLU A 191 -35.47 11.93 -6.80
N GLU A 192 -34.95 10.76 -7.23
CA GLU A 192 -35.45 9.49 -6.77
C GLU A 192 -35.32 9.40 -5.25
N PRO A 193 -36.03 8.46 -4.61
CA PRO A 193 -35.98 8.37 -3.14
C PRO A 193 -34.61 8.04 -2.59
N ASP A 194 -33.78 7.33 -3.37
CA ASP A 194 -32.45 6.91 -2.96
C ASP A 194 -31.39 7.53 -3.88
N ARG A 195 -30.22 7.78 -3.31
CA ARG A 195 -29.04 8.22 -4.05
C ARG A 195 -27.90 7.26 -3.77
N LEU A 196 -26.94 7.25 -4.70
CA LEU A 196 -25.72 6.49 -4.49
C LEU A 196 -24.86 7.24 -3.48
N SER A 197 -24.01 6.49 -2.79
CA SER A 197 -23.11 7.04 -1.79
C SER A 197 -21.66 6.88 -2.26
N ASN A 198 -20.83 7.88 -1.97
CA ASN A 198 -19.39 7.79 -2.12
C ASN A 198 -18.70 7.71 -0.78
N LYS A 199 -19.47 7.49 0.30
CA LYS A 199 -18.93 7.60 1.64
C LYS A 199 -18.20 6.32 2.04
N LEU A 200 -17.26 6.47 2.95
CA LEU A 200 -16.51 5.37 3.54
C LEU A 200 -16.64 5.47 5.06
N LEU A 201 -17.15 4.41 5.68
CA LEU A 201 -17.35 4.37 7.11
C LEU A 201 -16.47 3.28 7.74
N GLN A 202 -15.86 3.61 8.87
CA GLN A 202 -15.01 2.66 9.59
C GLN A 202 -15.68 2.27 10.89
N TYR A 203 -15.72 0.96 11.18
CA TYR A 203 -16.21 0.48 12.47
C TYR A 203 -15.02 -0.01 13.29
N ASP A 204 -14.86 0.55 14.48
CA ASP A 204 -13.85 0.09 15.41
C ASP A 204 -14.50 -0.77 16.48
N PRO A 205 -14.28 -2.10 16.49
CA PRO A 205 -15.00 -2.94 17.46
C PRO A 205 -14.58 -2.71 18.89
N SER A 206 -13.31 -2.40 19.15
CA SER A 206 -12.87 -2.10 20.51
C SER A 206 -13.60 -0.88 21.06
N GLN A 207 -14.02 0.05 20.20
CA GLN A 207 -14.77 1.23 20.64
C GLN A 207 -16.25 1.11 20.36
N ASP A 208 -16.69 0.08 19.61
CA ASP A 208 -18.07 -0.04 19.16
C ASP A 208 -18.56 1.28 18.57
N GLN A 209 -17.78 1.82 17.64
CA GLN A 209 -18.00 3.17 17.15
C GLN A 209 -17.69 3.26 15.66
N TRP A 210 -18.62 3.87 14.93
CA TRP A 210 -18.49 4.14 13.50
C TRP A 210 -17.97 5.54 13.32
N SER A 211 -17.08 5.74 12.34
CA SER A 211 -16.65 7.08 12.02
C SER A 211 -16.63 7.27 10.51
N VAL A 212 -16.77 8.51 10.08
CA VAL A 212 -16.75 8.84 8.67
C VAL A 212 -15.29 9.06 8.27
N ARG A 213 -14.85 8.35 7.23
CA ARG A 213 -13.52 8.51 6.69
C ARG A 213 -13.59 9.30 5.39
N ALA A 214 -12.41 9.45 4.78
CA ALA A 214 -12.29 10.19 3.53
C ALA A 214 -13.18 9.56 2.45
N PRO A 215 -13.93 10.36 1.70
CA PRO A 215 -14.84 9.79 0.71
C PRO A 215 -14.12 9.41 -0.56
N MET A 216 -14.84 8.65 -1.36
CA MET A 216 -14.48 8.14 -2.65
C MET A 216 -14.68 9.27 -3.68
N LYS A 217 -13.95 9.22 -4.78
CA LYS A 217 -14.16 10.23 -5.83
C LYS A 217 -15.49 10.02 -6.54
N TYR A 218 -15.95 8.76 -6.61
CA TYR A 218 -17.22 8.43 -7.25
C TYR A 218 -18.17 7.85 -6.22
N SER A 219 -19.45 8.22 -6.34
CA SER A 219 -20.53 7.51 -5.67
C SER A 219 -20.90 6.32 -6.53
N LYS A 220 -21.12 5.16 -5.91
CA LYS A 220 -21.16 3.96 -6.73
C LYS A 220 -21.79 2.80 -5.98
N TYR A 221 -22.22 1.79 -6.76
CA TYR A 221 -22.58 0.49 -6.24
C TYR A 221 -22.26 -0.56 -7.29
N ARG A 222 -22.33 -1.84 -6.87
CA ARG A 222 -22.02 -3.00 -7.72
C ARG A 222 -20.60 -2.94 -8.28
N PHE A 223 -19.65 -2.61 -7.42
CA PHE A 223 -18.23 -2.54 -7.74
C PHE A 223 -17.48 -3.72 -7.13
N SER A 224 -16.27 -3.98 -7.65
CA SER A 224 -15.37 -4.98 -7.06
C SER A 224 -14.68 -4.41 -5.82
N THR A 225 -14.38 -5.30 -4.86
CA THR A 225 -13.48 -4.96 -3.77
C THR A 225 -12.46 -6.07 -3.55
N ALA A 226 -11.27 -5.68 -3.08
CA ALA A 226 -10.26 -6.59 -2.59
C ALA A 226 -9.30 -5.82 -1.70
N VAL A 227 -8.63 -6.53 -0.79
CA VAL A 227 -7.64 -5.93 0.09
C VAL A 227 -6.28 -6.51 -0.28
N VAL A 228 -5.33 -5.64 -0.60
CA VAL A 228 -3.94 -6.05 -0.82
C VAL A 228 -3.05 -5.21 0.10
N ASN A 229 -2.30 -5.89 0.97
CA ASN A 229 -1.39 -5.24 1.89
C ASN A 229 -2.08 -4.09 2.62
N SER A 230 -3.21 -4.41 3.25
CA SER A 230 -3.94 -3.47 4.10
C SER A 230 -4.37 -2.21 3.36
N GLU A 231 -4.52 -2.27 2.04
CA GLU A 231 -5.17 -1.19 1.29
C GLU A 231 -6.39 -1.75 0.58
N ILE A 232 -7.42 -0.91 0.43
CA ILE A 232 -8.68 -1.32 -0.19
C ILE A 232 -8.65 -0.94 -1.66
N TYR A 233 -8.97 -1.89 -2.52
CA TYR A 233 -9.09 -1.65 -3.95
C TYR A 233 -10.57 -1.73 -4.31
N VAL A 234 -11.07 -0.65 -4.88
CA VAL A 234 -12.46 -0.54 -5.33
C VAL A 234 -12.42 -0.32 -6.83
N LEU A 235 -13.09 -1.19 -7.56
CA LEU A 235 -12.91 -1.26 -9.00
C LEU A 235 -14.25 -1.35 -9.70
N GLY A 236 -14.43 -0.55 -10.75
CA GLY A 236 -15.62 -0.70 -11.57
C GLY A 236 -16.86 -0.21 -10.84
N GLY A 237 -17.99 -0.79 -11.22
CA GLY A 237 -19.27 -0.46 -10.60
C GLY A 237 -20.09 0.51 -11.44
N ILE A 238 -21.30 0.78 -10.93
CA ILE A 238 -22.19 1.79 -11.50
C ILE A 238 -22.12 3.01 -10.59
N GLY A 239 -21.96 4.20 -11.19
CA GLY A 239 -21.93 5.39 -10.38
C GLY A 239 -21.71 6.66 -11.17
N CYS A 240 -21.29 7.70 -10.45
CA CYS A 240 -21.17 9.04 -11.00
C CYS A 240 -20.12 9.78 -10.19
N VAL A 241 -19.43 10.73 -10.84
CA VAL A 241 -18.43 11.52 -10.15
C VAL A 241 -19.10 12.34 -9.05
N GLY A 242 -18.47 12.38 -7.88
CA GLY A 242 -18.91 13.25 -6.80
C GLY A 242 -20.16 12.74 -6.08
N GLN A 243 -20.70 13.63 -5.24
CA GLN A 243 -21.96 13.33 -4.56
C GLN A 243 -23.08 13.13 -5.58
N ASP A 244 -23.95 12.15 -5.33
CA ASP A 244 -25.04 11.85 -6.24
C ASP A 244 -26.17 12.86 -5.98
N LYS A 245 -26.39 13.76 -6.93
CA LYS A 245 -27.50 14.70 -6.86
C LYS A 245 -28.49 14.48 -8.00
N GLY A 246 -28.51 13.27 -8.57
CA GLY A 246 -29.41 12.93 -9.65
C GLY A 246 -28.78 12.88 -11.03
N GLN A 247 -27.50 13.18 -11.17
CA GLN A 247 -26.90 13.14 -12.50
C GLN A 247 -26.92 11.70 -13.03
N VAL A 248 -26.72 11.57 -14.35
CA VAL A 248 -26.81 10.25 -14.96
C VAL A 248 -25.71 9.33 -14.42
N ARG A 249 -26.04 8.04 -14.34
CA ARG A 249 -25.13 7.01 -13.81
C ARG A 249 -24.58 6.19 -14.96
N LYS A 250 -23.31 5.82 -14.87
CA LYS A 250 -22.69 5.06 -15.93
C LYS A 250 -21.84 3.94 -15.33
N CYS A 251 -21.56 2.94 -16.17
CA CYS A 251 -20.61 1.89 -15.82
C CYS A 251 -19.20 2.47 -15.78
N LEU A 252 -18.42 2.07 -14.79
CA LEU A 252 -17.14 2.71 -14.52
C LEU A 252 -15.98 1.77 -14.79
N ASP A 253 -14.88 2.34 -15.26
CA ASP A 253 -13.60 1.63 -15.26
C ASP A 253 -12.70 2.11 -14.13
N VAL A 254 -13.22 2.97 -13.26
CA VAL A 254 -12.41 3.66 -12.26
C VAL A 254 -11.89 2.67 -11.23
N VAL A 255 -10.61 2.81 -10.88
CA VAL A 255 -10.02 2.07 -9.78
C VAL A 255 -9.61 3.07 -8.72
N GLU A 256 -10.16 2.92 -7.52
CA GLU A 256 -9.82 3.79 -6.40
C GLU A 256 -9.22 2.94 -5.28
N ILE A 257 -8.11 3.40 -4.73
CA ILE A 257 -7.35 2.66 -3.74
C ILE A 257 -7.31 3.47 -2.47
N TYR A 258 -7.71 2.85 -1.35
CA TYR A 258 -7.80 3.53 -0.07
C TYR A 258 -6.72 3.05 0.89
N ASN A 259 -6.08 4.00 1.57
CA ASN A 259 -5.09 3.68 2.60
C ASN A 259 -5.63 4.07 3.97
N PRO A 260 -6.00 3.10 4.83
CA PRO A 260 -6.59 3.44 6.14
C PRO A 260 -5.68 4.24 7.07
N ASP A 261 -4.40 3.88 7.17
CA ASP A 261 -3.53 4.58 8.10
C ASP A 261 -3.40 6.05 7.73
N GLY A 262 -3.28 6.34 6.44
CA GLY A 262 -3.22 7.71 5.96
C GLY A 262 -4.56 8.34 5.68
N ASP A 263 -5.63 7.56 5.69
CA ASP A 263 -6.98 8.01 5.39
C ASP A 263 -7.03 8.86 4.11
N PHE A 264 -6.62 8.24 2.99
CA PHE A 264 -6.71 8.94 1.72
C PHE A 264 -6.97 7.95 0.59
N TRP A 265 -7.56 8.45 -0.47
CA TRP A 265 -7.78 7.69 -1.69
C TRP A 265 -6.85 8.17 -2.81
N ARG A 266 -6.44 7.25 -3.66
CA ARG A 266 -5.69 7.56 -4.88
C ARG A 266 -6.23 6.71 -6.02
N GLU A 267 -6.00 7.16 -7.24
CA GLU A 267 -6.46 6.40 -8.39
C GLU A 267 -5.47 5.32 -8.77
N GLY A 268 -6.01 4.26 -9.35
CA GLY A 268 -5.20 3.21 -9.87
C GLY A 268 -5.41 3.18 -11.37
N PRO A 269 -4.66 2.34 -12.06
CA PRO A 269 -4.84 2.22 -13.51
C PRO A 269 -6.25 1.80 -13.82
N PRO A 270 -6.91 2.46 -14.75
CA PRO A 270 -8.31 2.12 -15.05
C PRO A 270 -8.42 0.73 -15.63
N MET A 271 -9.58 0.13 -15.46
CA MET A 271 -9.76 -1.24 -15.93
C MET A 271 -9.79 -1.25 -17.46
N PRO A 272 -9.45 -2.38 -18.09
CA PRO A 272 -9.49 -2.43 -19.57
C PRO A 272 -10.82 -2.02 -20.17
N SER A 273 -11.93 -2.24 -19.47
CA SER A 273 -13.24 -1.76 -19.87
C SER A 273 -14.07 -1.56 -18.63
N PRO A 274 -15.10 -0.71 -18.68
CA PRO A 274 -16.02 -0.62 -17.55
C PRO A 274 -16.55 -2.01 -17.19
N LEU A 275 -16.57 -2.33 -15.89
CA LEU A 275 -16.96 -3.66 -15.45
C LEU A 275 -17.77 -3.60 -14.17
N LEU A 276 -18.85 -4.35 -14.13
CA LEU A 276 -19.68 -4.46 -12.94
C LEU A 276 -19.35 -5.74 -12.21
N SER A 277 -19.41 -5.67 -10.87
CA SER A 277 -19.29 -6.88 -10.06
C SER A 277 -20.54 -7.75 -10.24
N LEU A 278 -20.70 -8.71 -9.35
CA LEU A 278 -21.82 -9.66 -9.40
C LEU A 278 -23.15 -8.98 -9.05
N ARG A 279 -24.25 -9.59 -9.50
CA ARG A 279 -25.59 -9.01 -9.30
C ARG A 279 -25.99 -8.96 -7.83
N THR A 280 -25.42 -9.82 -7.00
CA THR A 280 -25.59 -9.75 -5.55
C THR A 280 -24.96 -8.49 -4.96
N ASN A 281 -24.14 -7.77 -5.73
CA ASN A 281 -23.26 -6.70 -5.29
C ASN A 281 -22.11 -7.22 -4.44
N SER A 282 -22.00 -8.53 -4.29
CA SER A 282 -20.79 -9.10 -3.74
C SER A 282 -19.62 -8.90 -4.70
N THR A 283 -18.42 -9.06 -4.16
CA THR A 283 -17.22 -8.84 -4.94
C THR A 283 -16.98 -9.97 -5.92
N ASN A 284 -16.49 -9.60 -7.10
CA ASN A 284 -16.02 -10.53 -8.11
C ASN A 284 -14.51 -10.59 -8.14
N ALA A 285 -13.85 -10.07 -7.10
CA ALA A 285 -12.39 -9.96 -7.09
C ALA A 285 -11.82 -10.46 -5.76
N GLY A 286 -10.60 -11.00 -5.81
CA GLY A 286 -9.87 -11.38 -4.62
C GLY A 286 -8.39 -11.14 -4.80
N ALA A 287 -7.65 -11.23 -3.69
CA ALA A 287 -6.20 -11.02 -3.72
C ALA A 287 -5.47 -12.31 -3.37
N VAL A 288 -4.48 -12.67 -4.20
CA VAL A 288 -3.61 -13.83 -3.96
C VAL A 288 -2.16 -13.38 -4.10
N ASP A 289 -1.39 -13.56 -3.03
CA ASP A 289 0.05 -13.33 -3.02
C ASP A 289 0.41 -11.93 -3.51
N GLY A 290 -0.36 -10.95 -3.05
CA GLY A 290 -0.06 -9.58 -3.35
C GLY A 290 -0.49 -9.11 -4.72
N LYS A 291 -1.35 -9.87 -5.40
CA LYS A 291 -1.91 -9.46 -6.69
C LYS A 291 -3.42 -9.57 -6.65
N LEU A 292 -4.08 -8.70 -7.42
CA LEU A 292 -5.54 -8.62 -7.43
C LEU A 292 -6.09 -9.34 -8.64
N TYR A 293 -7.13 -10.15 -8.44
CA TYR A 293 -7.73 -10.95 -9.51
C TYR A 293 -9.23 -10.67 -9.61
N VAL A 294 -9.66 -10.20 -10.78
CA VAL A 294 -11.07 -10.00 -11.08
C VAL A 294 -11.54 -11.24 -11.84
N CYS A 295 -12.41 -12.04 -11.22
CA CYS A 295 -12.87 -13.30 -11.80
C CYS A 295 -14.21 -13.04 -12.48
N GLY A 296 -14.14 -12.59 -13.71
CA GLY A 296 -15.35 -12.34 -14.47
C GLY A 296 -16.05 -11.07 -14.05
N GLY A 297 -17.04 -10.69 -14.82
CA GLY A 297 -17.77 -9.47 -14.54
C GLY A 297 -18.74 -9.24 -15.66
N PHE A 298 -19.45 -8.12 -15.56
CA PHE A 298 -20.51 -7.79 -16.49
C PHE A 298 -20.24 -6.43 -17.11
N HIS A 299 -20.56 -6.28 -18.40
CA HIS A 299 -20.33 -5.02 -19.10
C HIS A 299 -21.57 -4.14 -19.09
N GLY A 300 -22.72 -4.71 -18.76
CA GLY A 300 -23.94 -3.96 -18.61
C GLY A 300 -24.72 -4.50 -17.42
N ALA A 301 -25.85 -3.84 -17.17
CA ALA A 301 -26.66 -4.10 -15.99
C ALA A 301 -27.91 -4.93 -16.28
N ASP A 302 -28.05 -5.43 -17.51
CA ASP A 302 -29.21 -6.27 -17.80
C ASP A 302 -29.13 -7.56 -16.98
N ARG A 303 -30.30 -8.11 -16.65
CA ARG A 303 -30.36 -9.35 -15.88
C ARG A 303 -30.06 -10.59 -16.71
N HIS A 304 -29.95 -10.46 -18.03
CA HIS A 304 -29.76 -11.61 -18.90
C HIS A 304 -28.33 -11.75 -19.39
N GLU A 305 -27.45 -10.80 -19.10
CA GLU A 305 -26.09 -10.85 -19.63
C GLU A 305 -25.33 -12.01 -18.98
N VAL A 306 -24.70 -12.85 -19.80
CA VAL A 306 -23.82 -13.89 -19.28
C VAL A 306 -22.54 -13.26 -18.78
N ILE A 307 -22.07 -13.72 -17.61
CA ILE A 307 -20.82 -13.18 -17.05
C ILE A 307 -19.69 -13.39 -18.05
N SER A 308 -18.80 -12.39 -18.15
CA SER A 308 -17.59 -12.54 -18.94
C SER A 308 -16.68 -13.59 -18.30
N LYS A 309 -16.41 -14.68 -19.02
CA LYS A 309 -15.67 -15.80 -18.45
C LYS A 309 -14.17 -15.60 -18.65
N GLU A 310 -13.65 -14.61 -17.93
CA GLU A 310 -12.27 -14.18 -18.11
C GLU A 310 -11.74 -13.63 -16.80
N ILE A 311 -10.45 -13.85 -16.57
CA ILE A 311 -9.80 -13.49 -15.31
C ILE A 311 -8.74 -12.44 -15.59
N LEU A 312 -8.88 -11.28 -14.96
CA LEU A 312 -7.95 -10.16 -15.08
C LEU A 312 -7.09 -10.08 -13.82
N GLU A 313 -5.86 -9.61 -13.99
CA GLU A 313 -4.97 -9.35 -12.87
C GLU A 313 -4.60 -7.88 -12.84
N LEU A 314 -4.70 -7.27 -11.66
CA LEU A 314 -4.10 -5.97 -11.39
C LEU A 314 -2.85 -6.24 -10.58
N ASP A 315 -1.70 -6.09 -11.22
CA ASP A 315 -0.44 -6.19 -10.50
C ASP A 315 -0.14 -4.82 -9.94
N PRO A 316 -0.29 -4.60 -8.63
CA PRO A 316 -0.13 -3.24 -8.08
C PRO A 316 1.31 -2.81 -7.99
N TRP A 317 2.23 -3.74 -8.20
CA TRP A 317 3.67 -3.45 -8.16
C TRP A 317 4.15 -2.97 -9.51
N GLU A 318 3.93 -3.77 -10.56
CA GLU A 318 4.05 -3.26 -11.91
C GLU A 318 3.09 -2.10 -12.19
N ASN A 319 1.99 -2.02 -11.42
CA ASN A 319 0.96 -0.99 -11.61
C ASN A 319 0.31 -1.09 -12.98
N GLN A 320 -0.18 -2.28 -13.32
CA GLN A 320 -0.81 -2.47 -14.62
C GLN A 320 -1.73 -3.69 -14.58
N TRP A 321 -2.59 -3.76 -15.58
CA TRP A 321 -3.56 -4.83 -15.74
C TRP A 321 -3.03 -5.86 -16.71
N ASN A 322 -3.24 -7.13 -16.37
CA ASN A 322 -2.86 -8.27 -17.18
C ASN A 322 -4.07 -9.18 -17.35
N VAL A 323 -4.28 -9.67 -18.57
CA VAL A 323 -5.23 -10.75 -18.80
C VAL A 323 -4.55 -12.05 -18.39
N VAL A 324 -5.15 -12.75 -17.42
CA VAL A 324 -4.58 -14.00 -16.93
C VAL A 324 -5.17 -15.19 -17.64
N ALA A 325 -6.48 -15.19 -17.87
CA ALA A 325 -7.13 -16.36 -18.42
C ALA A 325 -8.39 -15.92 -19.14
N ILE A 326 -8.69 -16.58 -20.25
CA ILE A 326 -9.91 -16.33 -21.01
C ILE A 326 -10.65 -17.64 -21.21
N ASN A 327 -11.94 -17.51 -21.44
CA ASN A 327 -12.84 -18.65 -21.64
C ASN A 327 -12.70 -19.66 -20.50
N VAL A 328 -12.64 -19.17 -19.26
CA VAL A 328 -12.54 -20.09 -18.13
C VAL A 328 -13.85 -20.84 -17.94
N LEU A 329 -13.74 -21.99 -17.28
CA LEU A 329 -14.88 -22.89 -17.12
C LEU A 329 -15.78 -22.47 -15.97
N MET A 330 -16.20 -21.20 -15.92
CA MET A 330 -17.15 -20.84 -14.89
C MET A 330 -18.58 -20.92 -15.43
N HIS A 331 -19.52 -20.99 -14.50
CA HIS A 331 -20.94 -20.96 -14.84
C HIS A 331 -21.30 -19.58 -15.40
N ASP A 332 -22.58 -19.41 -15.78
CA ASP A 332 -23.02 -18.16 -16.39
C ASP A 332 -23.13 -17.02 -15.38
N SER A 333 -22.99 -17.34 -14.09
CA SER A 333 -22.93 -16.36 -13.01
CA SER A 333 -22.92 -16.35 -13.02
C SER A 333 -22.41 -17.06 -11.77
N TYR A 334 -22.14 -16.27 -10.74
CA TYR A 334 -21.81 -16.79 -9.42
C TYR A 334 -22.08 -15.65 -8.44
N ASP A 335 -21.97 -15.94 -7.15
CA ASP A 335 -22.55 -15.05 -6.17
C ASP A 335 -21.58 -14.34 -5.24
N VAL A 336 -20.37 -14.85 -5.04
CA VAL A 336 -19.36 -14.13 -4.26
C VAL A 336 -18.01 -14.78 -4.54
N CYS A 337 -17.01 -13.94 -4.79
CA CYS A 337 -15.63 -14.41 -4.98
C CYS A 337 -14.91 -14.34 -3.64
N LEU A 338 -14.32 -15.46 -3.21
CA LEU A 338 -13.69 -15.58 -1.92
C LEU A 338 -12.32 -16.22 -2.09
N VAL A 339 -11.35 -15.79 -1.30
CA VAL A 339 -10.02 -16.39 -1.29
C VAL A 339 -9.82 -17.09 0.04
N ALA A 340 -9.47 -18.37 -0.02
CA ALA A 340 -9.19 -19.16 1.17
C ALA A 340 -8.03 -20.10 0.88
N ARG A 341 -7.31 -20.48 1.94
CA ARG A 341 -6.27 -21.50 1.82
CA ARG A 341 -6.27 -21.50 1.84
C ARG A 341 -6.93 -22.87 1.77
N MET A 342 -6.70 -23.59 0.67
CA MET A 342 -7.30 -24.89 0.39
C MET A 342 -6.23 -25.91 0.03
N ASN A 343 -6.52 -27.16 0.32
CA ASN A 343 -5.69 -28.26 -0.17
C ASN A 343 -6.37 -28.75 -1.43
N PRO A 344 -5.85 -28.43 -2.61
CA PRO A 344 -6.56 -28.75 -3.86
C PRO A 344 -6.79 -30.23 -4.09
N ARG A 345 -6.11 -31.13 -3.36
CA ARG A 345 -6.46 -32.55 -3.44
C ARG A 345 -7.84 -32.83 -2.85
N ASP A 346 -8.34 -31.94 -1.99
CA ASP A 346 -9.67 -32.09 -1.41
C ASP A 346 -10.76 -31.50 -2.30
N LEU A 347 -10.43 -31.10 -3.53
CA LEU A 347 -11.35 -30.42 -4.43
C LEU A 347 -11.60 -31.25 -5.68
N ILE A 348 -12.61 -30.84 -6.43
CA ILE A 348 -13.07 -31.60 -7.59
C ILE A 348 -12.26 -31.17 -8.82
N PRO A 349 -11.73 -32.11 -9.59
CA PRO A 349 -10.96 -31.76 -10.80
C PRO A 349 -11.86 -31.17 -11.88
N PRO A 350 -11.27 -30.49 -12.86
CA PRO A 350 -12.06 -29.97 -13.99
C PRO A 350 -12.59 -31.11 -14.86
N PRO A 351 -13.57 -30.81 -15.72
CA PRO A 351 -14.21 -31.88 -16.50
C PRO A 351 -13.29 -32.46 -17.57
N SER A 352 -13.36 -33.79 -17.72
CA SER A 352 -12.62 -34.54 -18.73
C SER A 352 -13.30 -34.34 -20.08
N ASP A 353 -12.82 -33.35 -20.83
CA ASP A 353 -13.32 -33.11 -22.17
C ASP A 353 -12.30 -32.30 -22.95
N GLU B 10 35.59 -12.21 0.96
CA GLU B 10 34.43 -12.29 0.08
C GLU B 10 33.28 -11.40 0.57
N THR B 11 33.43 -10.10 0.36
CA THR B 11 32.38 -9.12 0.67
C THR B 11 31.60 -8.76 -0.59
N THR B 12 30.42 -8.19 -0.39
CA THR B 12 29.54 -7.86 -1.50
C THR B 12 28.77 -6.59 -1.17
N SER B 13 28.42 -5.85 -2.21
CA SER B 13 27.65 -4.63 -2.02
C SER B 13 26.21 -4.98 -1.65
N LEU B 14 25.71 -4.38 -0.57
CA LEU B 14 24.35 -4.60 -0.12
C LEU B 14 23.62 -3.27 -0.05
N LEU B 15 22.31 -3.32 -0.24
CA LEU B 15 21.46 -2.16 0.05
C LEU B 15 21.07 -2.24 1.51
N LEU B 16 21.59 -1.32 2.33
CA LEU B 16 21.27 -1.28 3.76
C LEU B 16 20.14 -0.29 3.98
N CYS B 17 18.99 -0.79 4.48
CA CYS B 17 17.82 0.07 4.70
C CYS B 17 17.75 0.43 6.17
N ILE B 18 18.54 1.43 6.52
CA ILE B 18 18.85 1.74 7.91
C ILE B 18 17.70 2.53 8.51
N GLY B 19 17.22 2.10 9.67
CA GLY B 19 16.14 2.79 10.33
C GLY B 19 15.96 2.28 11.74
N ASN B 20 15.27 3.07 12.55
CA ASN B 20 14.97 2.65 13.92
C ASN B 20 13.52 2.19 14.10
N ASN B 21 12.74 2.09 13.03
CA ASN B 21 11.39 1.58 13.18
C ASN B 21 11.42 0.10 13.58
N SER B 22 10.45 -0.32 14.38
CA SER B 22 10.44 -1.68 14.93
C SER B 22 9.21 -2.49 14.56
N SER B 23 8.33 -1.98 13.72
CA SER B 23 7.08 -2.66 13.41
C SER B 23 7.17 -3.36 12.07
N GLY B 24 6.22 -4.27 11.83
CA GLY B 24 5.98 -4.80 10.51
C GLY B 24 6.63 -6.13 10.19
N ILE B 25 7.52 -6.64 11.04
CA ILE B 25 8.15 -7.93 10.82
C ILE B 25 7.58 -8.90 11.84
N ARG B 26 6.84 -9.90 11.36
CA ARG B 26 6.30 -10.93 12.26
C ARG B 26 7.43 -11.71 12.91
N SER B 27 7.52 -11.61 14.23
CA SER B 27 8.64 -12.15 15.02
C SER B 27 8.32 -13.57 15.44
N ARG B 28 8.64 -14.53 14.58
CA ARG B 28 8.39 -15.95 14.85
C ARG B 28 9.52 -16.47 15.72
N HIS B 29 9.35 -16.31 17.03
CA HIS B 29 10.26 -16.72 18.11
C HIS B 29 11.53 -15.86 18.19
N ARG B 30 11.72 -14.89 17.29
CA ARG B 30 12.89 -14.03 17.32
C ARG B 30 12.48 -12.61 16.96
N SER B 31 12.96 -11.64 17.76
CA SER B 31 12.58 -10.24 17.57
C SER B 31 13.56 -9.53 16.64
N TYR B 32 13.02 -8.89 15.61
CA TYR B 32 13.81 -8.10 14.67
C TYR B 32 13.59 -6.61 14.86
N GLY B 33 13.07 -6.20 16.02
CA GLY B 33 12.80 -4.80 16.28
C GLY B 33 14.03 -3.94 16.38
N ASP B 34 15.20 -4.53 16.64
CA ASP B 34 16.45 -3.79 16.71
C ASP B 34 17.32 -3.99 15.47
N ALA B 35 16.78 -4.53 14.40
CA ALA B 35 17.55 -4.85 13.22
C ALA B 35 16.95 -4.14 12.00
N SER B 36 17.81 -3.80 11.05
CA SER B 36 17.43 -3.13 9.82
C SER B 36 17.56 -4.07 8.64
N PHE B 37 16.56 -4.01 7.76
CA PHE B 37 16.48 -4.82 6.56
C PHE B 37 17.61 -4.48 5.60
N CYS B 38 18.26 -5.51 5.04
CA CYS B 38 19.27 -5.34 4.01
C CYS B 38 18.98 -6.27 2.85
N TYR B 39 19.42 -5.87 1.65
CA TYR B 39 19.08 -6.65 0.46
C TYR B 39 20.29 -6.81 -0.45
N ASP B 40 20.51 -8.04 -0.91
CA ASP B 40 21.48 -8.31 -1.97
C ASP B 40 20.72 -8.48 -3.27
N PRO B 41 20.72 -7.51 -4.19
CA PRO B 41 19.94 -7.67 -5.43
C PRO B 41 20.52 -8.69 -6.39
N VAL B 42 21.75 -9.14 -6.18
CA VAL B 42 22.33 -10.13 -7.08
C VAL B 42 21.79 -11.51 -6.74
N SER B 43 21.97 -11.94 -5.49
CA SER B 43 21.43 -13.22 -5.06
C SER B 43 19.97 -13.13 -4.62
N ARG B 44 19.43 -11.92 -4.48
CA ARG B 44 18.05 -11.71 -4.03
C ARG B 44 17.84 -12.26 -2.63
N LYS B 45 18.85 -12.10 -1.79
CA LYS B 45 18.82 -12.57 -0.41
C LYS B 45 18.72 -11.41 0.56
N THR B 46 17.94 -11.60 1.61
CA THR B 46 17.72 -10.60 2.66
C THR B 46 18.66 -10.88 3.82
N TYR B 47 19.19 -9.82 4.42
CA TYR B 47 20.01 -9.87 5.62
C TYR B 47 19.57 -8.77 6.56
N PHE B 48 19.99 -8.85 7.81
CA PHE B 48 19.66 -7.80 8.75
C PHE B 48 20.92 -7.30 9.44
N ILE B 49 20.95 -6.01 9.71
CA ILE B 49 22.05 -5.36 10.39
C ILE B 49 21.50 -4.70 11.63
N SER B 50 22.34 -4.55 12.65
CA SER B 50 21.90 -3.86 13.86
C SER B 50 21.42 -2.45 13.54
N SER B 51 20.28 -2.07 14.11
CA SER B 51 19.79 -0.72 13.90
C SER B 51 20.54 0.25 14.82
N PRO B 52 20.64 1.53 14.43
CA PRO B 52 21.45 2.46 15.21
C PRO B 52 20.98 2.67 16.64
N LYS B 53 19.72 2.38 16.96
CA LYS B 53 19.27 2.62 18.33
C LYS B 53 19.78 1.54 19.30
N TYR B 54 20.35 0.45 18.79
CA TYR B 54 20.64 -0.71 19.62
C TYR B 54 21.60 -0.36 20.75
N GLY B 55 21.28 -0.86 21.94
CA GLY B 55 22.11 -0.66 23.11
C GLY B 55 22.36 0.80 23.44
N GLU B 56 21.29 1.55 23.67
CA GLU B 56 21.38 2.98 23.99
C GLU B 56 22.23 3.72 22.95
N GLY B 57 21.99 3.41 21.67
CA GLY B 57 22.67 4.08 20.59
C GLY B 57 21.97 5.35 20.14
N LEU B 58 21.88 5.54 18.82
CA LEU B 58 21.29 6.73 18.24
C LEU B 58 19.77 6.59 18.21
N GLY B 59 19.06 7.49 18.91
CA GLY B 59 17.63 7.28 19.11
C GLY B 59 16.81 7.48 17.85
N THR B 60 17.19 8.46 17.05
CA THR B 60 16.55 8.70 15.76
C THR B 60 17.55 9.12 14.69
N VAL B 61 17.36 8.51 13.52
CA VAL B 61 18.23 8.62 12.37
C VAL B 61 17.55 9.53 11.35
N CYS B 62 18.26 10.57 10.92
CA CYS B 62 17.77 11.47 9.89
C CYS B 62 18.38 11.16 8.53
N THR B 63 19.69 10.86 8.49
CA THR B 63 20.31 10.61 7.20
C THR B 63 21.65 9.91 7.42
N GLY B 64 22.36 9.69 6.32
CA GLY B 64 23.58 8.92 6.38
C GLY B 64 24.29 8.91 5.04
N VAL B 65 25.56 8.49 5.08
CA VAL B 65 26.35 8.28 3.87
C VAL B 65 27.21 7.02 4.07
N VAL B 66 27.72 6.52 2.95
CA VAL B 66 28.82 5.57 2.94
C VAL B 66 30.03 6.30 2.37
N MET B 67 31.07 6.40 3.19
CA MET B 67 32.23 7.22 2.92
C MET B 67 33.11 6.51 1.88
N GLU B 68 34.08 7.23 1.30
CA GLU B 68 34.92 6.64 0.26
C GLU B 68 35.58 5.36 0.75
N ASN B 69 35.95 5.30 2.03
CA ASN B 69 36.67 4.16 2.56
C ASN B 69 35.74 3.09 3.12
N ASN B 70 34.45 3.12 2.74
CA ASN B 70 33.42 2.12 3.06
C ASN B 70 32.87 2.29 4.46
N THR B 71 33.25 3.34 5.19
CA THR B 71 32.67 3.57 6.50
C THR B 71 31.20 4.00 6.36
N ILE B 72 30.32 3.31 7.09
CA ILE B 72 28.90 3.63 7.14
C ILE B 72 28.68 4.66 8.23
N ILE B 73 28.01 5.76 7.86
CA ILE B 73 27.77 6.90 8.73
C ILE B 73 26.27 7.18 8.77
N VAL B 74 25.75 7.41 9.97
CA VAL B 74 24.37 7.91 10.11
C VAL B 74 24.39 9.11 11.03
N ALA B 75 23.47 10.04 10.74
CA ALA B 75 23.36 11.29 11.47
C ALA B 75 21.93 11.43 11.92
N GLY B 76 21.74 11.92 13.14
CA GLY B 76 20.41 12.05 13.66
C GLY B 76 20.36 12.80 14.97
N GLU B 77 19.42 12.40 15.83
CA GLU B 77 19.17 13.06 17.09
C GLU B 77 19.05 12.00 18.16
N ALA B 78 19.39 12.37 19.37
CA ALA B 78 18.97 11.58 20.53
C ALA B 78 17.59 12.06 20.92
N SER B 79 16.58 11.66 20.15
CA SER B 79 15.20 11.97 20.54
C SER B 79 14.43 10.72 20.97
N ALA B 80 15.13 9.65 21.35
CA ALA B 80 14.50 8.63 22.20
C ALA B 80 14.25 9.19 23.59
N SER B 81 15.09 10.11 24.05
CA SER B 81 15.14 10.71 25.40
C SER B 81 15.76 9.76 26.41
N LYS B 82 16.11 8.53 26.02
CA LYS B 82 16.74 7.60 26.95
C LYS B 82 18.13 8.08 27.35
N LEU B 83 18.78 8.86 26.48
CA LEU B 83 20.13 9.34 26.74
C LEU B 83 20.16 10.81 27.19
N SER B 84 19.41 11.68 26.52
CA SER B 84 19.49 13.11 26.80
C SER B 84 18.11 13.74 26.67
N ARG B 85 18.04 15.02 27.01
CA ARG B 85 16.83 15.82 26.93
C ARG B 85 16.84 16.67 25.66
N GLN B 86 15.77 17.45 25.48
CA GLN B 86 15.63 18.34 24.33
C GLN B 86 16.10 19.75 24.63
N LYS B 87 16.88 19.95 25.69
CA LYS B 87 17.49 21.24 25.99
C LYS B 87 18.85 21.39 25.33
N ASN B 88 19.70 20.37 25.43
CA ASN B 88 21.01 20.34 24.78
C ASN B 88 20.98 19.48 23.53
N LYS B 89 19.99 19.72 22.67
CA LYS B 89 19.82 18.91 21.47
C LYS B 89 20.95 19.16 20.49
N ASN B 90 21.48 18.09 19.93
CA ASN B 90 22.59 18.19 18.99
C ASN B 90 22.31 17.32 17.79
N VAL B 91 23.03 17.61 16.71
CA VAL B 91 23.18 16.66 15.62
C VAL B 91 24.21 15.63 16.07
N GLU B 92 23.79 14.37 16.15
CA GLU B 92 24.64 13.28 16.60
C GLU B 92 25.05 12.43 15.40
N ILE B 93 26.35 12.27 15.19
CA ILE B 93 26.87 11.48 14.07
C ILE B 93 27.56 10.22 14.61
N TYR B 94 27.14 9.06 14.09
CA TYR B 94 27.64 7.75 14.51
C TYR B 94 28.26 7.01 13.33
N ARG B 95 29.06 6.00 13.66
CA ARG B 95 29.79 5.21 12.68
C ARG B 95 29.56 3.74 12.97
N TYR B 96 29.30 2.95 11.93
CA TYR B 96 29.11 1.53 12.11
C TYR B 96 30.46 0.87 12.32
N HIS B 97 30.56 0.04 13.34
CA HIS B 97 31.80 -0.67 13.65
C HIS B 97 31.43 -1.96 14.36
N ASP B 98 31.46 -3.08 13.64
CA ASP B 98 31.14 -4.36 14.24
C ASP B 98 32.18 -4.69 15.31
N ARG B 99 31.72 -4.76 16.56
CA ARG B 99 32.57 -5.03 17.71
C ARG B 99 32.00 -6.18 18.53
N GLY B 100 31.34 -7.13 17.87
CA GLY B 100 30.85 -8.32 18.53
C GLY B 100 29.49 -8.14 19.16
N ASN B 101 29.41 -7.25 20.16
CA ASN B 101 28.14 -6.80 20.69
C ASN B 101 27.89 -5.30 20.51
N GLN B 102 28.94 -4.50 20.36
CA GLN B 102 28.80 -3.10 19.99
C GLN B 102 28.76 -2.97 18.47
N PHE B 103 27.84 -2.19 17.97
CA PHE B 103 27.69 -2.12 16.52
C PHE B 103 27.82 -0.70 15.96
N TRP B 104 27.31 0.30 16.66
CA TRP B 104 27.41 1.68 16.24
C TRP B 104 28.11 2.47 17.34
N GLU B 105 28.99 3.38 16.96
CA GLU B 105 29.75 4.17 17.92
C GLU B 105 29.61 5.65 17.58
N LYS B 106 29.57 6.49 18.62
CA LYS B 106 29.52 7.92 18.40
C LYS B 106 30.80 8.38 17.74
N LEU B 107 30.67 9.23 16.74
CA LEU B 107 31.79 9.77 16.00
C LEU B 107 32.01 11.25 16.30
N CYS B 108 30.98 12.07 16.16
CA CYS B 108 31.11 13.49 16.44
C CYS B 108 29.71 14.07 16.65
N THR B 109 29.70 15.30 17.15
CA THR B 109 28.46 16.04 17.33
C THR B 109 28.57 17.35 16.57
N ALA B 110 27.42 17.92 16.22
CA ALA B 110 27.36 19.18 15.50
C ALA B 110 26.16 19.97 15.98
N GLU B 111 26.26 21.29 15.83
CA GLU B 111 25.20 22.21 16.27
C GLU B 111 23.87 21.80 15.66
N PHE B 112 22.82 21.88 16.48
CA PHE B 112 21.52 21.35 16.06
C PHE B 112 21.07 21.96 14.73
N ARG B 113 20.62 21.10 13.82
CA ARG B 113 19.90 21.50 12.62
C ARG B 113 18.91 20.40 12.32
N GLU B 114 17.87 20.74 11.56
CA GLU B 114 17.01 19.73 10.97
C GLU B 114 16.87 20.02 9.49
N LEU B 115 16.47 18.99 8.75
CA LEU B 115 16.22 19.12 7.32
C LEU B 115 17.48 19.57 6.58
N TYR B 116 18.63 19.08 7.03
CA TYR B 116 19.92 19.29 6.36
C TYR B 116 20.21 18.12 5.42
N ALA B 117 21.23 18.29 4.58
CA ALA B 117 21.78 17.22 3.77
C ALA B 117 23.15 16.83 4.31
N LEU B 118 23.45 15.53 4.32
CA LEU B 118 24.77 15.05 4.72
C LEU B 118 25.52 14.53 3.50
N GLY B 119 26.64 15.17 3.21
CA GLY B 119 27.46 14.82 2.06
C GLY B 119 28.80 14.25 2.52
N SER B 120 29.55 13.72 1.57
CA SER B 120 30.87 13.20 1.92
C SER B 120 31.81 13.23 0.72
N ILE B 121 33.06 13.62 0.97
CA ILE B 121 34.14 13.53 -0.02
C ILE B 121 35.40 13.05 0.71
N HIS B 122 36.07 12.03 0.16
CA HIS B 122 37.29 11.48 0.75
C HIS B 122 37.05 11.22 2.24
N ASN B 123 37.71 11.92 3.15
CA ASN B 123 37.53 11.61 4.57
C ASN B 123 36.80 12.72 5.28
N ASP B 124 35.98 13.48 4.56
CA ASP B 124 35.26 14.61 5.11
C ASP B 124 33.76 14.34 5.07
N LEU B 125 33.09 14.83 6.10
CA LEU B 125 31.63 14.88 6.16
C LEU B 125 31.23 16.34 5.98
N TYR B 126 30.07 16.56 5.35
CA TYR B 126 29.56 17.92 5.13
C TYR B 126 28.12 17.98 5.60
N VAL B 127 27.84 18.93 6.50
CA VAL B 127 26.48 19.22 6.95
C VAL B 127 26.01 20.51 6.25
N ILE B 128 24.95 20.39 5.44
CA ILE B 128 24.62 21.36 4.39
C ILE B 128 23.21 21.88 4.61
N GLY B 129 23.09 23.19 4.84
CA GLY B 129 21.75 23.78 4.90
C GLY B 129 20.95 23.30 6.10
N GLY B 130 19.64 23.20 5.90
CA GLY B 130 18.73 22.86 6.97
C GLY B 130 18.21 24.09 7.70
N GLN B 131 17.39 23.84 8.72
CA GLN B 131 16.88 24.88 9.61
C GLN B 131 17.64 24.86 10.93
N MET B 132 18.09 26.01 11.39
CA MET B 132 18.71 26.12 12.70
C MET B 132 18.17 27.35 13.43
N LYS B 133 18.57 27.46 14.69
CA LYS B 133 18.20 28.58 15.54
C LYS B 133 19.43 29.46 15.74
N ILE B 134 19.43 30.65 15.14
CA ILE B 134 20.50 31.63 15.28
C ILE B 134 19.92 32.85 15.98
N LYS B 135 20.46 33.17 17.16
CA LYS B 135 19.98 34.28 17.97
C LYS B 135 18.47 34.16 18.23
N ASN B 136 18.08 32.98 18.70
CA ASN B 136 16.71 32.67 19.15
C ASN B 136 15.68 32.73 18.03
N GLN B 137 16.11 32.77 16.78
CA GLN B 137 15.19 32.76 15.63
C GLN B 137 15.47 31.54 14.77
N TYR B 138 14.39 30.93 14.27
CA TYR B 138 14.51 29.79 13.38
C TYR B 138 14.56 30.28 11.94
N LEU B 139 15.49 29.74 11.16
CA LEU B 139 15.54 30.07 9.75
C LEU B 139 16.22 28.94 8.99
N ILE B 140 15.87 28.85 7.71
CA ILE B 140 16.60 27.97 6.82
C ILE B 140 17.96 28.58 6.53
N THR B 141 19.02 27.78 6.63
CA THR B 141 20.37 28.34 6.53
C THR B 141 21.04 27.97 5.21
N ASN B 142 22.05 28.76 4.88
CA ASN B 142 22.95 28.42 3.78
C ASN B 142 24.26 27.79 4.28
N CYS B 143 24.37 27.49 5.58
CA CYS B 143 25.64 27.08 6.18
C CYS B 143 26.09 25.71 5.69
N VAL B 144 27.40 25.59 5.44
CA VAL B 144 28.02 24.31 5.13
C VAL B 144 29.17 24.09 6.11
N ASP B 145 29.03 23.10 6.98
CA ASP B 145 30.08 22.73 7.93
C ASP B 145 30.73 21.42 7.48
N LYS B 146 32.06 21.39 7.51
CA LYS B 146 32.84 20.24 7.05
C LYS B 146 33.54 19.59 8.25
N TYR B 147 33.31 18.30 8.43
CA TYR B 147 33.94 17.54 9.50
C TYR B 147 35.04 16.65 8.91
N SER B 148 36.26 16.86 9.36
CA SER B 148 37.38 16.03 8.94
C SER B 148 37.47 14.85 9.89
N VAL B 149 37.16 13.65 9.39
CA VAL B 149 37.25 12.47 10.23
C VAL B 149 38.67 12.27 10.76
N GLU B 150 39.67 12.55 9.93
CA GLU B 150 41.06 12.32 10.36
C GLU B 150 41.52 13.33 11.41
N ARG B 151 40.95 14.54 11.44
CA ARG B 151 41.38 15.54 12.41
C ARG B 151 40.46 15.68 13.60
N ASP B 152 39.27 15.08 13.55
CA ASP B 152 38.25 15.28 14.58
C ASP B 152 38.01 16.76 14.86
N ASN B 153 37.96 17.56 13.79
CA ASN B 153 37.58 18.96 13.95
C ASN B 153 36.65 19.42 12.83
N TRP B 154 35.89 20.47 13.13
CA TRP B 154 34.89 21.02 12.25
C TRP B 154 35.39 22.32 11.65
N LYS B 155 35.04 22.57 10.39
CA LYS B 155 35.35 23.85 9.78
C LYS B 155 34.20 24.33 8.90
N ARG B 156 33.85 25.60 9.05
CA ARG B 156 32.84 26.19 8.19
C ARG B 156 33.46 26.57 6.85
N VAL B 157 32.89 26.08 5.74
CA VAL B 157 33.39 26.36 4.41
C VAL B 157 32.43 27.31 3.69
N SER B 158 32.56 27.41 2.37
CA SER B 158 31.77 28.37 1.59
C SER B 158 30.28 28.03 1.69
N PRO B 159 29.42 28.98 1.99
CA PRO B 159 27.98 28.70 2.12
C PRO B 159 27.32 28.42 0.77
N LEU B 160 26.21 27.68 0.85
CA LEU B 160 25.31 27.54 -0.29
C LEU B 160 25.01 28.93 -0.86
N PRO B 161 24.79 29.05 -2.17
CA PRO B 161 24.41 30.36 -2.73
C PRO B 161 22.99 30.79 -2.39
N LEU B 162 22.20 29.92 -1.72
CA LEU B 162 20.85 30.24 -1.29
C LEU B 162 20.50 29.36 -0.10
N GLN B 163 19.49 29.78 0.68
CA GLN B 163 19.03 28.99 1.80
C GLN B 163 18.28 27.75 1.32
N LEU B 164 18.58 26.60 1.90
CA LEU B 164 17.98 25.34 1.46
C LEU B 164 17.68 24.45 2.65
N ALA B 165 16.51 23.81 2.60
CA ALA B 165 16.13 22.77 3.53
C ALA B 165 15.48 21.67 2.70
N CYS B 166 15.52 20.43 3.23
CA CYS B 166 14.91 19.27 2.59
C CYS B 166 15.52 18.96 1.23
N HIS B 167 16.71 19.50 0.97
CA HIS B 167 17.46 19.23 -0.24
C HIS B 167 18.21 17.91 -0.09
N ALA B 168 18.64 17.37 -1.21
CA ALA B 168 19.48 16.17 -1.21
C ALA B 168 20.89 16.55 -1.65
N VAL B 169 21.84 15.66 -1.37
CA VAL B 169 23.21 15.85 -1.82
C VAL B 169 23.77 14.48 -2.17
N VAL B 170 24.47 14.41 -3.29
CA VAL B 170 25.27 13.25 -3.68
C VAL B 170 26.67 13.75 -4.03
N THR B 171 27.59 12.80 -4.14
CA THR B 171 28.95 13.06 -4.57
C THR B 171 29.19 12.35 -5.90
N VAL B 172 29.67 13.10 -6.89
CA VAL B 172 30.17 12.54 -8.14
C VAL B 172 31.56 13.12 -8.36
N ASN B 173 32.53 12.23 -8.57
CA ASN B 173 33.88 12.64 -8.92
C ASN B 173 34.43 13.65 -7.93
N ASN B 174 34.25 13.36 -6.64
CA ASN B 174 34.82 14.14 -5.55
C ASN B 174 34.29 15.58 -5.53
N LYS B 175 33.13 15.81 -6.10
CA LYS B 175 32.42 17.08 -5.92
C LYS B 175 31.00 16.78 -5.44
N LEU B 176 30.48 17.68 -4.59
CA LEU B 176 29.09 17.59 -4.12
C LEU B 176 28.14 18.19 -5.14
N TYR B 177 26.95 17.59 -5.22
CA TYR B 177 25.84 18.11 -6.01
C TYR B 177 24.61 18.16 -5.13
N VAL B 178 24.15 19.39 -4.84
CA VAL B 178 22.97 19.65 -4.02
C VAL B 178 21.77 19.84 -4.95
N ILE B 179 20.63 19.25 -4.58
CA ILE B 179 19.50 19.00 -5.48
C ILE B 179 18.18 19.36 -4.79
N GLY B 180 17.37 20.18 -5.44
CA GLY B 180 15.99 20.46 -5.00
C GLY B 180 15.91 21.03 -3.60
N GLY B 181 14.81 20.74 -2.92
CA GLY B 181 14.61 21.18 -1.55
C GLY B 181 13.63 22.34 -1.49
N TRP B 182 13.62 23.02 -0.34
CA TRP B 182 12.78 24.19 -0.08
C TRP B 182 13.66 25.40 0.10
N THR B 183 13.18 26.57 -0.36
CA THR B 183 13.95 27.77 -0.20
C THR B 183 12.99 28.93 0.03
N PRO B 184 13.34 29.91 0.86
CA PRO B 184 12.41 31.04 1.09
C PRO B 184 12.21 31.84 -0.18
N GLN B 185 11.02 32.42 -0.33
CA GLN B 185 10.71 33.26 -1.48
C GLN B 185 10.14 34.59 -1.00
N MET B 186 10.54 35.67 -1.69
CA MET B 186 10.04 37.04 -1.48
C MET B 186 9.57 37.67 -2.77
N ASP B 187 9.16 36.86 -3.73
CA ASP B 187 8.74 37.36 -5.03
C ASP B 187 7.25 37.64 -5.07
N LEU B 188 6.45 36.80 -4.40
CA LEU B 188 5.01 36.79 -4.55
C LEU B 188 4.35 36.88 -3.17
N PRO B 189 3.63 37.96 -2.89
CA PRO B 189 2.98 38.09 -1.58
C PRO B 189 1.73 37.25 -1.40
N ASP B 190 1.30 36.49 -2.41
CA ASP B 190 0.16 35.59 -2.28
C ASP B 190 0.59 34.12 -2.37
N GLU B 191 1.82 33.85 -2.00
CA GLU B 191 2.41 32.52 -2.04
C GLU B 191 2.98 32.21 -0.66
N GLU B 192 3.13 30.91 -0.37
CA GLU B 192 3.64 30.48 0.93
C GLU B 192 5.07 31.02 1.11
N PRO B 193 5.56 31.07 2.36
CA PRO B 193 6.88 31.67 2.60
C PRO B 193 8.03 30.91 1.94
N ASP B 194 7.87 29.62 1.69
CA ASP B 194 8.89 28.79 1.05
C ASP B 194 8.35 28.23 -0.27
N ARG B 195 9.24 28.06 -1.22
CA ARG B 195 8.93 27.43 -2.49
C ARG B 195 9.89 26.26 -2.70
N LEU B 196 9.46 25.33 -3.54
CA LEU B 196 10.31 24.21 -3.96
C LEU B 196 11.37 24.71 -4.93
N SER B 197 12.48 23.97 -5.00
CA SER B 197 13.58 24.32 -5.89
C SER B 197 13.83 23.23 -6.91
N ASN B 198 14.14 23.66 -8.12
CA ASN B 198 14.60 22.77 -9.19
C ASN B 198 16.11 22.91 -9.43
N LYS B 199 16.81 23.58 -8.53
CA LYS B 199 18.19 23.96 -8.76
C LYS B 199 19.13 22.80 -8.43
N LEU B 200 20.26 22.77 -9.14
CA LEU B 200 21.34 21.82 -8.89
C LEU B 200 22.61 22.62 -8.68
N LEU B 201 23.24 22.46 -7.52
CA LEU B 201 24.42 23.22 -7.14
C LEU B 201 25.60 22.28 -6.94
N GLN B 202 26.77 22.67 -7.46
CA GLN B 202 27.98 21.87 -7.39
C GLN B 202 28.99 22.51 -6.44
N TYR B 203 29.56 21.71 -5.52
CA TYR B 203 30.61 22.19 -4.63
C TYR B 203 31.94 21.52 -5.01
N ASP B 204 32.95 22.33 -5.33
CA ASP B 204 34.30 21.87 -5.60
C ASP B 204 35.16 22.13 -4.36
N PRO B 205 35.49 21.11 -3.57
CA PRO B 205 36.23 21.36 -2.33
C PRO B 205 37.61 21.94 -2.53
N SER B 206 38.22 21.72 -3.71
CA SER B 206 39.58 22.19 -3.93
C SER B 206 39.61 23.69 -4.20
N GLN B 207 38.49 24.25 -4.65
CA GLN B 207 38.33 25.69 -4.80
C GLN B 207 37.44 26.30 -3.73
N ASP B 208 36.84 25.48 -2.88
CA ASP B 208 35.87 25.93 -1.89
C ASP B 208 34.85 26.84 -2.56
N GLN B 209 34.24 26.33 -3.63
CA GLN B 209 33.42 27.14 -4.52
C GLN B 209 32.16 26.39 -4.92
N TRP B 210 31.01 26.99 -4.62
CA TRP B 210 29.74 26.50 -5.13
C TRP B 210 29.44 27.13 -6.47
N SER B 211 28.80 26.37 -7.36
CA SER B 211 28.38 26.93 -8.64
C SER B 211 27.06 26.30 -9.08
N VAL B 212 26.31 27.06 -9.83
CA VAL B 212 24.99 26.64 -10.28
C VAL B 212 25.14 25.85 -11.57
N ARG B 213 24.60 24.64 -11.57
CA ARG B 213 24.58 23.79 -12.75
C ARG B 213 23.21 23.86 -13.42
N ALA B 214 23.01 23.02 -14.44
CA ALA B 214 21.73 22.99 -15.13
C ALA B 214 20.60 22.59 -14.18
N PRO B 215 19.45 23.27 -14.23
CA PRO B 215 18.31 22.88 -13.38
C PRO B 215 17.55 21.67 -13.91
N MET B 216 16.82 21.02 -13.00
CA MET B 216 15.89 19.95 -13.37
C MET B 216 14.62 20.54 -13.98
N LYS B 217 13.85 19.69 -14.64
CA LYS B 217 12.58 20.15 -15.19
C LYS B 217 11.52 20.34 -14.11
N TYR B 218 11.64 19.68 -12.95
CA TYR B 218 10.71 19.78 -11.85
C TYR B 218 11.38 20.39 -10.63
N SER B 219 10.65 21.26 -9.93
CA SER B 219 10.99 21.66 -8.58
C SER B 219 10.38 20.61 -7.66
N LYS B 220 11.12 20.18 -6.63
CA LYS B 220 10.73 18.94 -5.97
C LYS B 220 11.45 18.78 -4.65
N TYR B 221 10.83 17.99 -3.77
CA TYR B 221 11.50 17.44 -2.60
C TYR B 221 10.94 16.06 -2.33
N ARG B 222 11.54 15.38 -1.34
CA ARG B 222 11.22 14.00 -0.97
C ARG B 222 11.32 13.04 -2.16
N PHE B 223 12.38 13.21 -2.95
CA PHE B 223 12.65 12.39 -4.11
C PHE B 223 13.78 11.41 -3.82
N SER B 224 13.88 10.37 -4.63
CA SER B 224 15.01 9.44 -4.54
C SER B 224 16.24 10.03 -5.20
N THR B 225 17.42 9.59 -4.74
CA THR B 225 18.67 9.90 -5.43
C THR B 225 19.56 8.67 -5.43
N ALA B 226 20.26 8.47 -6.55
CA ALA B 226 21.33 7.49 -6.58
C ALA B 226 22.32 7.92 -7.64
N VAL B 227 23.55 7.42 -7.54
CA VAL B 227 24.58 7.69 -8.56
C VAL B 227 24.87 6.38 -9.25
N VAL B 228 24.63 6.32 -10.55
CA VAL B 228 24.88 5.13 -11.35
C VAL B 228 25.76 5.53 -12.53
N ASN B 229 26.91 4.87 -12.65
CA ASN B 229 27.86 5.12 -13.75
C ASN B 229 28.15 6.61 -13.89
N SER B 230 28.45 7.25 -12.76
CA SER B 230 28.85 8.65 -12.67
C SER B 230 27.76 9.63 -13.11
N GLU B 231 26.48 9.22 -13.14
CA GLU B 231 25.37 10.13 -13.44
C GLU B 231 24.40 10.14 -12.26
N ILE B 232 23.66 11.25 -12.10
CA ILE B 232 22.78 11.43 -10.94
C ILE B 232 21.35 11.09 -11.35
N TYR B 233 20.73 10.16 -10.62
CA TYR B 233 19.35 9.78 -10.85
C TYR B 233 18.48 10.38 -9.74
N VAL B 234 17.39 11.02 -10.14
CA VAL B 234 16.47 11.72 -9.24
C VAL B 234 15.08 11.21 -9.59
N LEU B 235 14.38 10.62 -8.61
CA LEU B 235 13.19 9.83 -8.90
C LEU B 235 12.05 10.20 -7.96
N GLY B 236 10.86 10.37 -8.52
CA GLY B 236 9.64 10.67 -7.78
C GLY B 236 9.74 11.93 -6.93
N GLY B 237 9.08 11.88 -5.79
CA GLY B 237 9.02 13.01 -4.89
C GLY B 237 7.74 13.83 -5.11
N ILE B 238 7.66 14.92 -4.38
CA ILE B 238 6.56 15.90 -4.49
C ILE B 238 7.09 17.10 -5.24
N GLY B 239 6.39 17.53 -6.28
CA GLY B 239 6.81 18.76 -6.95
C GLY B 239 5.90 19.25 -8.05
N CYS B 240 6.47 20.09 -8.92
CA CYS B 240 5.72 20.72 -10.00
C CYS B 240 6.69 20.99 -11.14
N VAL B 241 6.14 21.08 -12.35
CA VAL B 241 6.97 21.38 -13.52
C VAL B 241 7.52 22.79 -13.42
N GLY B 242 8.81 22.94 -13.72
CA GLY B 242 9.39 24.27 -13.75
C GLY B 242 9.46 24.91 -12.38
N GLN B 243 9.77 26.21 -12.38
CA GLN B 243 9.88 26.97 -11.14
C GLN B 243 8.59 26.92 -10.36
N ASP B 244 8.72 26.88 -9.03
CA ASP B 244 7.58 26.86 -8.14
C ASP B 244 7.10 28.29 -7.93
N LYS B 245 5.97 28.63 -8.54
CA LYS B 245 5.33 29.93 -8.30
C LYS B 245 3.93 29.76 -7.72
N GLY B 246 3.77 28.72 -6.90
CA GLY B 246 2.54 28.44 -6.21
C GLY B 246 1.58 27.55 -6.95
N GLN B 247 2.00 26.90 -8.02
CA GLN B 247 1.11 25.98 -8.70
C GLN B 247 0.96 24.69 -7.89
N VAL B 248 -0.03 23.88 -8.27
CA VAL B 248 -0.36 22.69 -7.49
C VAL B 248 0.82 21.73 -7.53
N ARG B 249 1.10 21.12 -6.39
CA ARG B 249 2.14 20.11 -6.27
C ARG B 249 1.53 18.73 -6.31
N LYS B 250 2.28 17.76 -6.84
CA LYS B 250 1.74 16.42 -6.94
C LYS B 250 2.86 15.42 -6.69
N CYS B 251 2.47 14.21 -6.28
CA CYS B 251 3.40 13.08 -6.27
C CYS B 251 3.83 12.74 -7.70
N LEU B 252 5.14 12.63 -7.91
CA LEU B 252 5.72 12.46 -9.24
C LEU B 252 6.16 11.00 -9.45
N ASP B 253 6.11 10.55 -10.70
CA ASP B 253 6.76 9.31 -11.12
C ASP B 253 8.01 9.59 -11.95
N VAL B 254 8.43 10.86 -12.00
CA VAL B 254 9.38 11.34 -13.00
C VAL B 254 10.79 10.94 -12.63
N VAL B 255 11.56 10.50 -13.63
CA VAL B 255 12.97 10.15 -13.46
C VAL B 255 13.81 11.13 -14.28
N GLU B 256 14.62 11.93 -13.59
CA GLU B 256 15.56 12.84 -14.24
C GLU B 256 16.97 12.35 -14.00
N ILE B 257 17.80 12.38 -15.05
CA ILE B 257 19.17 11.86 -15.00
C ILE B 257 20.12 12.96 -15.43
N TYR B 258 21.07 13.27 -14.55
CA TYR B 258 22.02 14.36 -14.77
C TYR B 258 23.38 13.80 -15.17
N ASN B 259 23.93 14.31 -16.27
CA ASN B 259 25.26 13.97 -16.73
C ASN B 259 26.20 15.11 -16.37
N PRO B 260 27.09 14.93 -15.39
CA PRO B 260 27.95 16.05 -14.92
C PRO B 260 28.91 16.58 -15.96
N ASP B 261 29.43 15.71 -16.83
CA ASP B 261 30.41 16.18 -17.82
C ASP B 261 29.76 17.12 -18.82
N GLY B 262 28.65 16.68 -19.42
CA GLY B 262 27.91 17.53 -20.33
C GLY B 262 27.00 18.54 -19.67
N ASP B 263 26.88 18.51 -18.35
CA ASP B 263 26.02 19.44 -17.60
C ASP B 263 24.63 19.55 -18.23
N PHE B 264 23.92 18.41 -18.26
CA PHE B 264 22.54 18.44 -18.76
C PHE B 264 21.74 17.31 -18.14
N TRP B 265 20.44 17.53 -18.07
CA TRP B 265 19.45 16.60 -17.55
C TRP B 265 18.69 15.98 -18.71
N ARG B 266 18.29 14.72 -18.52
CA ARG B 266 17.42 14.03 -19.45
C ARG B 266 16.38 13.27 -18.64
N GLU B 267 15.30 12.86 -19.30
CA GLU B 267 14.28 12.04 -18.68
C GLU B 267 14.63 10.57 -18.83
N GLY B 268 14.38 9.80 -17.77
CA GLY B 268 14.46 8.37 -17.85
C GLY B 268 13.05 7.81 -17.96
N PRO B 269 12.91 6.49 -17.93
CA PRO B 269 11.57 5.90 -17.92
C PRO B 269 10.87 6.20 -16.60
N PRO B 270 9.62 6.63 -16.64
CA PRO B 270 8.92 6.95 -15.40
C PRO B 270 8.75 5.73 -14.52
N MET B 271 8.70 5.97 -13.21
CA MET B 271 8.44 4.90 -12.27
C MET B 271 7.06 4.27 -12.50
N PRO B 272 6.91 2.99 -12.20
CA PRO B 272 5.61 2.32 -12.35
C PRO B 272 4.46 3.05 -11.66
N SER B 273 4.74 3.72 -10.54
CA SER B 273 3.75 4.55 -9.87
C SER B 273 4.47 5.74 -9.27
N PRO B 274 3.78 6.88 -9.08
CA PRO B 274 4.36 7.96 -8.28
C PRO B 274 4.77 7.41 -6.93
N LEU B 275 5.93 7.84 -6.45
CA LEU B 275 6.50 7.25 -5.26
C LEU B 275 7.34 8.30 -4.55
N LEU B 276 7.12 8.45 -3.26
CA LEU B 276 7.88 9.37 -2.43
C LEU B 276 8.97 8.62 -1.70
N SER B 277 10.08 9.33 -1.46
CA SER B 277 11.19 8.80 -0.68
C SER B 277 10.82 8.83 0.81
N LEU B 278 11.81 8.54 1.66
CA LEU B 278 11.63 8.48 3.10
C LEU B 278 11.20 9.83 3.68
N ARG B 279 10.51 9.78 4.82
CA ARG B 279 10.04 10.99 5.50
C ARG B 279 11.19 11.83 6.02
N THR B 280 12.36 11.23 6.24
CA THR B 280 13.56 11.98 6.58
C THR B 280 14.02 12.85 5.43
N ASN B 281 13.47 12.63 4.24
CA ASN B 281 13.90 13.16 2.95
C ASN B 281 15.22 12.56 2.49
N SER B 282 15.78 11.61 3.24
CA SER B 282 16.92 10.86 2.76
C SER B 282 16.50 9.93 1.64
N THR B 283 17.46 9.33 0.96
CA THR B 283 17.12 8.57 -0.21
C THR B 283 16.60 7.19 0.18
N ASN B 284 15.69 6.68 -0.65
CA ASN B 284 15.24 5.30 -0.59
C ASN B 284 15.84 4.46 -1.72
N ALA B 285 16.90 4.94 -2.36
CA ALA B 285 17.45 4.29 -3.53
C ALA B 285 18.97 4.15 -3.40
N GLY B 286 19.51 3.19 -4.14
CA GLY B 286 20.94 2.95 -4.13
C GLY B 286 21.34 2.27 -5.42
N ALA B 287 22.66 2.28 -5.68
CA ALA B 287 23.23 1.69 -6.87
C ALA B 287 24.05 0.47 -6.50
N VAL B 288 23.77 -0.65 -7.18
CA VAL B 288 24.54 -1.89 -7.07
C VAL B 288 24.73 -2.43 -8.50
N ASP B 289 25.97 -2.75 -8.84
CA ASP B 289 26.31 -3.38 -10.13
C ASP B 289 25.80 -2.61 -11.34
N GLY B 290 25.94 -1.29 -11.30
CA GLY B 290 25.50 -0.49 -12.43
C GLY B 290 23.99 -0.38 -12.62
N LYS B 291 23.20 -0.83 -11.65
CA LYS B 291 21.75 -0.66 -11.71
C LYS B 291 21.29 0.15 -10.51
N LEU B 292 20.10 0.75 -10.63
CA LEU B 292 19.51 1.50 -9.54
C LEU B 292 18.45 0.67 -8.83
N TYR B 293 18.47 0.68 -7.51
CA TYR B 293 17.45 -0.02 -6.74
C TYR B 293 16.68 0.96 -5.87
N VAL B 294 15.37 1.00 -6.06
CA VAL B 294 14.48 1.71 -5.16
C VAL B 294 13.97 0.71 -4.13
N CYS B 295 14.31 0.94 -2.87
CA CYS B 295 13.99 0.03 -1.78
C CYS B 295 12.78 0.60 -1.05
N GLY B 296 11.60 0.25 -1.53
CA GLY B 296 10.38 0.72 -0.92
C GLY B 296 10.17 2.22 -1.07
N GLY B 297 8.94 2.66 -0.89
CA GLY B 297 8.59 4.06 -1.00
C GLY B 297 7.16 4.27 -0.54
N PHE B 298 6.72 5.51 -0.64
CA PHE B 298 5.41 5.91 -0.14
C PHE B 298 4.54 6.43 -1.26
N HIS B 299 3.27 6.02 -1.23
CA HIS B 299 2.31 6.50 -2.21
C HIS B 299 1.68 7.82 -1.84
N GLY B 300 1.80 8.26 -0.58
CA GLY B 300 1.26 9.54 -0.17
C GLY B 300 2.14 10.15 0.91
N ALA B 301 1.84 11.41 1.25
CA ALA B 301 2.74 12.18 2.10
C ALA B 301 2.40 12.11 3.60
N ASP B 302 1.31 11.44 3.96
CA ASP B 302 0.88 11.44 5.36
C ASP B 302 1.87 10.69 6.24
N ARG B 303 1.83 11.01 7.52
CA ARG B 303 2.82 10.52 8.48
C ARG B 303 2.57 9.10 8.95
N HIS B 304 1.46 8.48 8.56
CA HIS B 304 1.08 7.20 9.16
C HIS B 304 1.13 6.00 8.22
N GLU B 305 1.10 6.21 6.92
CA GLU B 305 1.01 5.09 6.00
C GLU B 305 2.27 4.23 6.06
N VAL B 306 2.09 2.92 5.87
CA VAL B 306 3.20 1.97 5.89
C VAL B 306 3.90 2.03 4.54
N ILE B 307 5.22 1.89 4.57
CA ILE B 307 5.99 1.92 3.34
C ILE B 307 5.55 0.78 2.42
N SER B 308 5.60 1.02 1.11
CA SER B 308 5.38 -0.05 0.15
C SER B 308 6.60 -0.98 0.12
N LYS B 309 6.41 -2.25 0.49
CA LYS B 309 7.55 -3.14 0.76
C LYS B 309 7.96 -3.86 -0.53
N GLU B 310 8.69 -3.13 -1.36
CA GLU B 310 9.00 -3.55 -2.72
C GLU B 310 10.42 -3.10 -3.07
N ILE B 311 11.06 -3.83 -3.96
CA ILE B 311 12.35 -3.42 -4.51
C ILE B 311 12.19 -3.32 -6.01
N LEU B 312 12.38 -2.12 -6.53
CA LEU B 312 12.29 -1.82 -7.95
C LEU B 312 13.70 -1.63 -8.49
N GLU B 313 13.92 -2.04 -9.72
CA GLU B 313 15.22 -1.95 -10.36
C GLU B 313 15.06 -1.16 -11.65
N LEU B 314 15.92 -0.16 -11.82
CA LEU B 314 16.02 0.55 -13.08
C LEU B 314 17.33 0.11 -13.71
N ASP B 315 17.23 -0.66 -14.77
CA ASP B 315 18.35 -1.13 -15.56
C ASP B 315 18.64 -0.14 -16.68
N PRO B 316 19.67 0.70 -16.55
CA PRO B 316 19.98 1.66 -17.63
C PRO B 316 20.47 1.01 -18.90
N TRP B 317 20.98 -0.22 -18.83
CA TRP B 317 21.37 -0.92 -20.05
C TRP B 317 20.15 -1.29 -20.87
N GLU B 318 19.21 -2.02 -20.27
N GLU B 318 19.22 -2.02 -20.27
CA GLU B 318 17.95 -2.29 -20.93
CA GLU B 318 17.94 -2.31 -20.90
C GLU B 318 17.01 -1.09 -20.95
C GLU B 318 17.00 -1.11 -20.92
N ASN B 319 17.30 -0.07 -20.14
CA ASN B 319 16.49 1.15 -20.05
C ASN B 319 15.02 0.82 -19.77
N GLN B 320 14.79 0.14 -18.65
CA GLN B 320 13.43 -0.21 -18.25
C GLN B 320 13.41 -0.54 -16.76
N TRP B 321 12.20 -0.45 -16.18
CA TRP B 321 11.96 -0.80 -14.80
C TRP B 321 11.58 -2.27 -14.68
N ASN B 322 12.05 -2.91 -13.62
CA ASN B 322 11.66 -4.27 -13.28
C ASN B 322 11.37 -4.32 -11.80
N VAL B 323 10.32 -5.04 -11.45
CA VAL B 323 10.02 -5.36 -10.06
C VAL B 323 10.82 -6.59 -9.69
N VAL B 324 11.77 -6.44 -8.77
CA VAL B 324 12.66 -7.56 -8.45
C VAL B 324 12.23 -8.29 -7.19
N ALA B 325 11.50 -7.61 -6.29
CA ALA B 325 11.06 -8.29 -5.08
C ALA B 325 9.85 -7.56 -4.49
N ILE B 326 8.81 -8.32 -4.14
CA ILE B 326 7.61 -7.80 -3.50
C ILE B 326 7.43 -8.42 -2.12
N ASN B 327 6.63 -7.73 -1.30
CA ASN B 327 6.35 -8.16 0.07
C ASN B 327 7.63 -8.53 0.81
N VAL B 328 8.67 -7.71 0.64
CA VAL B 328 9.93 -8.03 1.31
C VAL B 328 9.81 -7.74 2.81
N LEU B 329 10.77 -8.25 3.55
CA LEU B 329 10.75 -8.27 5.01
C LEU B 329 11.22 -6.95 5.63
N MET B 330 10.65 -5.83 5.18
CA MET B 330 10.98 -4.53 5.73
C MET B 330 10.18 -4.22 6.99
N HIS B 331 10.73 -3.35 7.81
CA HIS B 331 9.94 -2.68 8.83
C HIS B 331 8.93 -1.74 8.16
N ASP B 332 8.04 -1.15 8.96
CA ASP B 332 7.01 -0.29 8.39
C ASP B 332 7.56 1.04 7.87
N SER B 333 8.83 1.33 8.16
CA SER B 333 9.54 2.48 7.66
C SER B 333 11.03 2.22 7.87
N TYR B 334 11.86 3.08 7.25
CA TYR B 334 13.27 3.17 7.57
C TYR B 334 13.73 4.57 7.20
N ASP B 335 15.01 4.89 7.47
CA ASP B 335 15.41 6.29 7.54
C ASP B 335 16.48 6.72 6.53
N VAL B 336 17.31 5.79 6.03
CA VAL B 336 18.20 6.09 4.90
C VAL B 336 18.65 4.77 4.27
N CYS B 337 18.66 4.74 2.93
CA CYS B 337 19.13 3.61 2.16
C CYS B 337 20.59 3.85 1.76
N LEU B 338 21.47 2.94 2.16
CA LEU B 338 22.91 3.08 1.96
C LEU B 338 23.46 1.80 1.36
N VAL B 339 24.36 1.95 0.39
CA VAL B 339 25.03 0.83 -0.24
C VAL B 339 26.45 0.78 0.33
N ALA B 340 26.84 -0.37 0.86
CA ALA B 340 28.20 -0.53 1.34
C ALA B 340 28.67 -1.96 1.05
N ARG B 341 29.98 -2.13 0.97
CA ARG B 341 30.54 -3.46 0.77
C ARG B 341 30.52 -4.20 2.11
N MET B 342 29.90 -5.37 2.13
CA MET B 342 29.61 -6.06 3.38
C MET B 342 29.98 -7.54 3.23
N ASN B 343 30.50 -8.14 4.30
CA ASN B 343 30.60 -9.60 4.35
C ASN B 343 29.29 -10.16 4.87
N PRO B 344 28.45 -10.76 4.03
CA PRO B 344 27.11 -11.13 4.46
C PRO B 344 27.07 -12.21 5.54
N ARG B 345 28.19 -12.91 5.76
CA ARG B 345 28.23 -13.90 6.82
C ARG B 345 28.20 -13.28 8.20
N ASP B 346 28.61 -12.02 8.33
CA ASP B 346 28.67 -11.31 9.60
C ASP B 346 27.38 -10.60 9.96
N LEU B 347 26.33 -10.77 9.17
CA LEU B 347 25.06 -10.10 9.37
C LEU B 347 24.04 -11.07 9.95
N ILE B 348 22.94 -10.52 10.43
CA ILE B 348 21.87 -11.32 11.00
C ILE B 348 21.12 -12.02 9.88
N PRO B 349 20.77 -13.30 10.01
CA PRO B 349 19.98 -13.97 8.95
C PRO B 349 18.52 -13.56 9.02
N PRO B 350 17.79 -13.72 7.93
CA PRO B 350 16.35 -13.44 7.95
C PRO B 350 15.63 -14.46 8.82
N PRO B 351 14.44 -14.12 9.34
CA PRO B 351 13.73 -15.05 10.22
C PRO B 351 13.19 -16.26 9.47
#